data_8AY4
#
_entry.id   8AY4
#
loop_
_entity.id
_entity.type
_entity.pdbx_description
1 polymer 'Capsid protein VP1'
2 polymer 'Capsid protein VP2'
3 polymer 'Capsid protein VP3'
4 polymer 'Capsid protein VP4'
#
loop_
_entity_poly.entity_id
_entity_poly.type
_entity_poly.pdbx_seq_one_letter_code
_entity_poly.pdbx_strand_id
1 'polypeptide(L)'
;LVVPNINSSNPTTSNSAPALDAAETGHTSSVQPEDVIETRYVQTSQTRDEMSLESFLGRSGCIHESKLEVTLANYNKENF
TVWAINLQEMAQIRRKFELFTYTRFDSEITLVPCISALSQDIGHITMQYMYVPPGAPVPNSRDDYAWQSGTNASVFWQHG
QAYPRFSLPFLSVASAYYMFYDGYDEQDQNYGTANTNNMGSLCSRIVTEKHIHKVHIMTRIYHKAKHVKAWCPRPPRALE
YTRAHRTNFKIEDRSIQTAIVTRPIITTA
;
A
2 'polypeptide(L)'
;RIIQITRGDSTITSQDVANAIVAYGVWPHYLSSKDASAIDKPSQPDTSSNRFYTLRSVTWSSSSKGWWWKLPDALKDMGI
FGENMFYHYLGRSGYTIHVQCNASKFHQGTLIVALIPEHQIASALHGNVNVGYNYTHPGETGREVKAETRLNPDLQPTEE
YWLNFDGTLLGNITIFPHQFINLRSNNSATIIAPYVNAVPMDSMRSHNNWSLVIIPICPLETSSAINTIPITISISPMCA
EFSGARAKRQ
;
B
3 'polypeptide(L)'
;GLPVFITPGSGQFLTTDDFQSPCALPWYHPTKEISIPGEVKNLVEICQVDSLVPINNTDTYINSENMYSVVLQSSINAPD
KIFSIRTDVASQPLATTLIGEISSYFTHWTGSLRFSFMFCGTANTTVKLLLAYTPPGIAEPTTRKDAMLGTHVIWDVGLQ
STISMVVPWISASHYRNTSPGRSTSGYITCWYQTRLVIPPQTPPTARLLCFVSGCKDFCLRMARDTNLHLQSGAIAQ
;
C
4 'polypeptide(L)' AQVSRQNYFNINYFKDAASNGASKL D
#
# COMPACT_ATOMS: atom_id res chain seq x y z
N LEU A 1 -8.36 4.71 -21.87
CA LEU A 1 -8.90 5.46 -20.72
C LEU A 1 -8.18 6.80 -20.58
N VAL A 2 -8.92 7.91 -20.61
CA VAL A 2 -8.34 9.27 -20.70
C VAL A 2 -8.87 10.21 -19.63
N VAL A 3 -8.05 11.19 -19.23
CA VAL A 3 -8.55 12.39 -18.53
C VAL A 3 -9.60 13.09 -19.39
N PRO A 4 -10.52 13.84 -18.77
CA PRO A 4 -11.32 14.79 -19.53
C PRO A 4 -10.45 15.93 -20.07
N ASN A 5 -10.96 16.69 -21.03
CA ASN A 5 -10.47 18.04 -21.28
C ASN A 5 -10.65 18.91 -20.03
N ILE A 6 -9.94 20.03 -19.93
CA ILE A 6 -10.20 21.07 -18.94
C ILE A 6 -10.86 22.26 -19.62
N ASN A 7 -11.93 22.79 -19.04
CA ASN A 7 -12.68 23.88 -19.64
C ASN A 7 -11.94 25.22 -19.42
N SER A 8 -12.37 26.27 -20.12
CA SER A 8 -12.07 27.62 -19.62
C SER A 8 -12.80 27.85 -18.31
N SER A 9 -12.16 28.53 -17.35
CA SER A 9 -12.76 28.88 -16.06
C SER A 9 -12.84 30.39 -15.93
N ASN A 10 -14.04 30.94 -15.71
CA ASN A 10 -14.22 32.38 -15.63
C ASN A 10 -13.61 32.91 -14.32
N PRO A 11 -12.94 34.06 -14.35
CA PRO A 11 -12.49 34.73 -13.13
C PRO A 11 -13.71 35.27 -12.39
N THR A 12 -13.92 34.80 -11.16
CA THR A 12 -15.07 35.12 -10.33
C THR A 12 -14.73 35.00 -8.85
N THR A 13 -15.59 35.55 -7.99
CA THR A 13 -15.70 35.20 -6.56
C THR A 13 -17.17 35.19 -6.16
N SER A 14 -17.52 34.43 -5.12
CA SER A 14 -18.90 34.18 -4.69
C SER A 14 -18.97 33.65 -3.26
N ASN A 15 -20.15 33.69 -2.64
CA ASN A 15 -20.39 33.10 -1.33
C ASN A 15 -20.21 31.57 -1.36
N SER A 16 -20.68 30.94 -2.44
CA SER A 16 -20.31 29.58 -2.78
C SER A 16 -18.81 29.52 -3.08
N ALA A 17 -18.10 28.59 -2.44
CA ALA A 17 -16.69 28.33 -2.68
C ALA A 17 -16.33 26.93 -2.18
N PRO A 18 -15.73 26.07 -3.01
CA PRO A 18 -15.40 24.70 -2.64
C PRO A 18 -13.94 24.51 -2.19
N ALA A 19 -13.08 25.53 -2.29
CA ALA A 19 -11.65 25.42 -1.95
C ALA A 19 -11.36 24.99 -0.50
N LEU A 20 -12.33 25.14 0.40
CA LEU A 20 -12.24 24.74 1.79
C LEU A 20 -12.83 23.34 1.96
N ASP A 21 -12.26 22.51 2.84
CA ASP A 21 -12.81 21.19 3.17
C ASP A 21 -12.43 20.69 4.58
N ALA A 22 -12.84 19.46 4.91
CA ALA A 22 -12.45 18.74 6.12
C ALA A 22 -11.69 17.46 5.72
N ALA A 23 -10.38 17.52 5.57
CA ALA A 23 -9.61 16.34 5.20
C ALA A 23 -9.85 15.20 6.20
N GLU A 24 -10.14 15.55 7.45
CA GLU A 24 -10.52 14.64 8.53
C GLU A 24 -11.67 13.70 8.21
N THR A 25 -12.52 14.07 7.25
CA THR A 25 -13.55 13.18 6.69
C THR A 25 -13.00 11.84 6.23
N GLY A 26 -11.73 11.80 5.85
CA GLY A 26 -11.12 10.71 5.09
C GLY A 26 -11.22 10.89 3.58
N HIS A 27 -12.23 11.62 3.11
CA HIS A 27 -12.39 11.84 1.68
C HIS A 27 -11.27 12.73 1.15
N THR A 28 -10.84 12.53 -0.09
CA THR A 28 -9.87 13.45 -0.69
C THR A 28 -10.45 14.86 -0.78
N SER A 29 -9.56 15.84 -0.63
CA SER A 29 -9.78 17.28 -0.59
C SER A 29 -10.32 17.90 -1.87
N SER A 30 -10.73 19.18 -1.76
CA SER A 30 -11.37 20.00 -2.80
C SER A 30 -10.80 19.73 -4.18
N VAL A 31 -11.65 19.18 -5.02
CA VAL A 31 -11.12 18.32 -6.09
C VAL A 31 -10.60 19.09 -7.29
N GLN A 32 -11.12 20.28 -7.56
CA GLN A 32 -11.18 20.80 -8.92
C GLN A 32 -10.12 21.88 -9.21
N PRO A 33 -9.36 21.79 -10.30
CA PRO A 33 -8.27 22.72 -10.58
C PRO A 33 -8.79 24.04 -11.14
N GLU A 34 -9.85 24.00 -11.96
CA GLU A 34 -10.52 25.18 -12.49
C GLU A 34 -11.07 26.10 -11.40
N ASP A 35 -11.16 25.65 -10.14
CA ASP A 35 -11.72 26.48 -9.08
C ASP A 35 -10.84 27.70 -8.75
N VAL A 36 -9.53 27.54 -8.77
CA VAL A 36 -8.60 28.61 -8.32
C VAL A 36 -7.70 29.13 -9.41
N ILE A 37 -7.87 28.66 -10.65
CA ILE A 37 -7.25 29.25 -11.82
C ILE A 37 -8.34 29.59 -12.83
N GLU A 38 -8.30 30.83 -13.31
CA GLU A 38 -9.05 31.27 -14.46
C GLU A 38 -8.41 30.69 -15.74
N THR A 39 -8.66 29.41 -16.01
CA THR A 39 -8.06 28.63 -17.10
C THR A 39 -8.57 29.03 -18.46
N ARG A 40 -7.75 28.82 -19.50
CA ARG A 40 -8.25 28.62 -20.87
C ARG A 40 -8.67 27.15 -21.02
N TYR A 41 -9.63 26.88 -21.89
CA TYR A 41 -9.98 25.52 -22.32
C TYR A 41 -8.76 24.86 -22.93
N VAL A 42 -8.42 23.65 -22.49
CA VAL A 42 -7.33 22.88 -23.08
C VAL A 42 -7.80 21.45 -23.31
N GLN A 43 -7.45 20.91 -24.47
CA GLN A 43 -7.61 19.49 -24.74
C GLN A 43 -6.57 18.68 -23.96
N THR A 44 -6.72 18.65 -22.65
CA THR A 44 -6.04 17.70 -21.78
C THR A 44 -6.52 16.32 -22.17
N SER A 45 -5.61 15.56 -22.75
CA SER A 45 -5.91 14.45 -23.66
C SER A 45 -4.75 13.46 -23.65
N GLN A 46 -4.26 13.17 -22.46
CA GLN A 46 -3.12 12.29 -22.22
C GLN A 46 -3.66 11.01 -21.60
N THR A 47 -3.43 9.87 -22.24
CA THR A 47 -4.03 8.62 -21.79
C THR A 47 -3.36 8.08 -20.54
N ARG A 48 -4.17 7.48 -19.67
CA ARG A 48 -3.73 6.83 -18.44
C ARG A 48 -3.38 5.36 -18.67
N ASP A 49 -3.41 4.87 -19.91
CA ASP A 49 -3.29 3.43 -20.18
C ASP A 49 -1.96 2.83 -19.74
N GLU A 50 -0.82 3.52 -19.84
CA GLU A 50 0.43 2.99 -19.25
C GLU A 50 0.31 2.83 -17.73
N MET A 51 -0.54 3.63 -17.12
CA MET A 51 -0.80 3.60 -15.68
C MET A 51 -1.77 2.47 -15.32
N SER A 52 -2.25 1.68 -16.28
CA SER A 52 -3.12 0.54 -16.01
C SER A 52 -2.41 -0.56 -15.24
N LEU A 53 -3.16 -1.39 -14.52
CA LEU A 53 -2.59 -2.52 -13.81
C LEU A 53 -2.01 -3.57 -14.76
N GLU A 54 -2.71 -3.86 -15.85
CA GLU A 54 -2.23 -4.75 -16.93
C GLU A 54 -0.98 -4.17 -17.65
N SER A 55 -0.63 -2.92 -17.38
CA SER A 55 0.69 -2.37 -17.68
C SER A 55 1.65 -2.52 -16.51
N PHE A 56 1.37 -1.89 -15.37
CA PHE A 56 2.35 -1.75 -14.30
C PHE A 56 2.75 -3.08 -13.68
N LEU A 57 1.79 -3.92 -13.31
CA LEU A 57 2.10 -5.32 -12.99
C LEU A 57 2.56 -6.04 -14.25
N GLY A 58 1.85 -5.82 -15.35
CA GLY A 58 2.06 -6.45 -16.65
C GLY A 58 3.31 -6.02 -17.41
N ARG A 59 4.45 -5.88 -16.73
CA ARG A 59 5.80 -5.96 -17.30
C ARG A 59 6.57 -7.00 -16.50
N SER A 60 7.30 -7.88 -17.16
CA SER A 60 8.05 -8.94 -16.50
C SER A 60 9.20 -8.37 -15.69
N GLY A 61 9.70 -9.15 -14.75
CA GLY A 61 10.94 -8.89 -14.03
C GLY A 61 11.49 -10.20 -13.47
N CYS A 62 12.74 -10.18 -13.05
CA CYS A 62 13.34 -11.37 -12.46
C CYS A 62 12.75 -11.63 -11.09
N ILE A 63 12.75 -12.89 -10.66
CA ILE A 63 12.09 -13.38 -9.46
C ILE A 63 13.06 -14.05 -8.50
N HIS A 64 13.98 -14.85 -9.03
CA HIS A 64 14.86 -15.72 -8.26
C HIS A 64 16.07 -16.17 -9.10
N GLU A 65 17.07 -16.75 -8.47
CA GLU A 65 18.37 -17.04 -9.06
C GLU A 65 18.80 -18.50 -8.80
N SER A 66 18.50 -19.41 -9.73
CA SER A 66 18.86 -20.81 -9.61
C SER A 66 20.29 -21.05 -10.07
N LYS A 67 21.24 -20.77 -9.18
CA LYS A 67 22.66 -21.09 -9.30
C LYS A 67 22.92 -22.52 -8.83
N LEU A 68 23.69 -23.28 -9.61
CA LEU A 68 24.12 -24.65 -9.34
C LEU A 68 25.55 -24.87 -9.81
N GLU A 69 26.31 -25.71 -9.12
CA GLU A 69 27.52 -26.33 -9.65
C GLU A 69 27.28 -27.80 -10.01
N VAL A 70 27.75 -28.21 -11.19
CA VAL A 70 27.84 -29.63 -11.53
C VAL A 70 28.98 -30.26 -10.74
N THR A 71 28.61 -30.96 -9.67
CA THR A 71 29.46 -31.82 -8.88
C THR A 71 29.86 -33.05 -9.68
N LEU A 72 31.11 -33.48 -9.61
CA LEU A 72 31.55 -34.70 -10.28
C LEU A 72 31.43 -35.93 -9.38
N ALA A 73 31.97 -35.85 -8.16
CA ALA A 73 32.24 -37.01 -7.29
C ALA A 73 31.00 -37.86 -6.98
N ASN A 74 29.83 -37.22 -6.92
CA ASN A 74 28.56 -37.90 -7.06
C ASN A 74 27.60 -37.06 -7.91
N TYR A 75 27.93 -36.99 -9.20
CA TYR A 75 27.12 -36.38 -10.24
C TYR A 75 25.64 -36.78 -10.13
N ASN A 76 25.42 -38.06 -9.85
CA ASN A 76 24.13 -38.71 -9.75
C ASN A 76 23.31 -38.22 -8.55
N LYS A 77 23.97 -37.80 -7.47
CA LYS A 77 23.32 -37.28 -6.27
C LYS A 77 23.01 -35.80 -6.40
N GLU A 78 24.04 -34.97 -6.50
CA GLU A 78 23.91 -33.59 -6.00
C GLU A 78 23.28 -32.60 -6.99
N ASN A 79 23.38 -32.87 -8.29
CA ASN A 79 23.23 -31.83 -9.31
C ASN A 79 21.77 -31.51 -9.66
N PHE A 80 21.08 -30.96 -8.68
CA PHE A 80 19.73 -30.43 -8.76
C PHE A 80 19.54 -29.35 -7.70
N THR A 81 18.49 -28.53 -7.84
CA THR A 81 18.10 -27.53 -6.85
C THR A 81 16.59 -27.45 -6.72
N VAL A 82 16.11 -26.93 -5.60
CA VAL A 82 14.69 -26.65 -5.35
C VAL A 82 14.57 -25.27 -4.69
N TRP A 83 13.58 -24.49 -5.09
CA TRP A 83 13.32 -23.16 -4.53
C TRP A 83 11.85 -22.95 -4.21
N ALA A 84 11.58 -22.52 -2.98
CA ALA A 84 10.23 -22.21 -2.53
C ALA A 84 9.68 -21.00 -3.28
N ILE A 85 8.60 -21.20 -4.02
CA ILE A 85 8.02 -20.15 -4.85
C ILE A 85 7.49 -19.03 -3.99
N ASN A 86 7.99 -17.82 -4.21
CA ASN A 86 7.49 -16.60 -3.59
C ASN A 86 7.83 -15.38 -4.47
N LEU A 87 7.11 -14.27 -4.32
CA LEU A 87 7.48 -12.99 -4.96
C LEU A 87 8.23 -12.06 -4.00
N GLN A 88 8.82 -12.62 -2.95
CA GLN A 88 9.22 -11.87 -1.77
C GLN A 88 10.74 -11.70 -1.63
N GLU A 89 11.56 -12.04 -2.63
CA GLU A 89 13.02 -11.92 -2.52
C GLU A 89 13.76 -11.30 -3.72
N MET A 90 13.04 -10.58 -4.57
CA MET A 90 13.62 -9.57 -5.47
C MET A 90 12.83 -8.27 -5.36
N ALA A 91 13.48 -7.18 -4.96
CA ALA A 91 12.77 -6.03 -4.41
C ALA A 91 11.78 -5.40 -5.37
N GLN A 92 12.13 -5.17 -6.64
CA GLN A 92 11.27 -4.43 -7.55
C GLN A 92 9.93 -5.14 -7.72
N ILE A 93 9.99 -6.43 -8.11
CA ILE A 93 8.77 -7.22 -8.25
C ILE A 93 8.06 -7.26 -6.93
N ARG A 94 8.77 -7.52 -5.84
CA ARG A 94 8.15 -7.55 -4.52
C ARG A 94 7.36 -6.28 -4.27
N ARG A 95 7.91 -5.12 -4.56
CA ARG A 95 7.27 -3.82 -4.32
C ARG A 95 6.08 -3.57 -5.22
N LYS A 96 6.03 -4.15 -6.42
CA LYS A 96 4.80 -4.13 -7.20
C LYS A 96 3.65 -4.76 -6.42
N PHE A 97 3.90 -5.88 -5.78
CA PHE A 97 2.85 -6.67 -5.14
C PHE A 97 2.61 -6.29 -3.68
N GLU A 98 3.67 -5.85 -3.01
CA GLU A 98 3.69 -5.17 -1.72
C GLU A 98 3.16 -3.74 -1.86
N LEU A 99 1.95 -3.67 -2.38
CA LEU A 99 1.23 -2.48 -2.76
C LEU A 99 -0.28 -2.68 -2.57
N PHE A 100 -0.70 -3.84 -2.09
CA PHE A 100 -2.08 -4.30 -2.03
C PHE A 100 -2.30 -5.25 -0.88
N THR A 101 -3.55 -5.55 -0.55
CA THR A 101 -3.90 -6.68 0.30
C THR A 101 -3.71 -8.00 -0.43
N TYR A 102 -4.30 -8.09 -1.61
CA TYR A 102 -4.35 -9.29 -2.40
C TYR A 102 -4.20 -8.94 -3.88
N THR A 103 -3.74 -9.88 -4.68
CA THR A 103 -3.73 -9.74 -6.13
C THR A 103 -3.96 -11.09 -6.78
N ARG A 104 -4.44 -11.06 -8.00
CA ARG A 104 -4.75 -12.22 -8.81
C ARG A 104 -4.25 -11.96 -10.21
N PHE A 105 -3.66 -12.95 -10.83
CA PHE A 105 -3.16 -12.82 -12.19
C PHE A 105 -2.80 -14.18 -12.73
N ASP A 106 -2.80 -14.27 -14.05
CA ASP A 106 -2.08 -15.30 -14.77
C ASP A 106 -0.65 -14.82 -15.00
N SER A 107 0.24 -15.77 -15.19
CA SER A 107 1.66 -15.54 -15.13
C SER A 107 2.33 -16.01 -16.40
N GLU A 108 2.89 -15.08 -17.15
CA GLU A 108 4.03 -15.46 -17.99
C GLU A 108 5.17 -15.80 -17.05
N ILE A 109 5.76 -16.97 -17.26
CA ILE A 109 6.99 -17.40 -16.62
C ILE A 109 8.04 -17.53 -17.71
N THR A 110 9.24 -16.99 -17.52
CA THR A 110 10.32 -17.06 -18.50
C THR A 110 11.63 -17.45 -17.88
N LEU A 111 12.34 -18.36 -18.52
CA LEU A 111 13.57 -18.93 -18.02
C LEU A 111 14.74 -18.41 -18.84
N VAL A 112 15.75 -17.87 -18.15
CA VAL A 112 17.00 -17.46 -18.76
C VAL A 112 18.11 -18.35 -18.21
N PRO A 113 18.26 -19.55 -18.77
CA PRO A 113 19.34 -20.46 -18.43
C PRO A 113 20.65 -19.95 -19.00
N CYS A 114 21.71 -20.09 -18.22
CA CYS A 114 23.07 -19.70 -18.55
C CYS A 114 24.03 -20.80 -18.09
N ILE A 115 24.98 -21.19 -18.93
CA ILE A 115 26.04 -22.13 -18.58
C ILE A 115 27.35 -21.34 -18.50
N SER A 116 28.04 -21.47 -17.39
CA SER A 116 29.38 -20.90 -17.19
C SER A 116 30.41 -22.01 -17.11
N ALA A 117 31.44 -21.93 -17.94
CA ALA A 117 32.47 -22.95 -18.03
C ALA A 117 33.55 -22.77 -16.96
N LEU A 118 33.81 -23.81 -16.18
CA LEU A 118 35.03 -23.91 -15.38
C LEU A 118 36.08 -24.79 -16.08
N SER A 119 35.83 -25.18 -17.32
CA SER A 119 36.61 -26.11 -18.13
C SER A 119 36.74 -25.65 -19.57
N GLN A 120 37.66 -26.25 -20.32
CA GLN A 120 38.02 -25.83 -21.68
C GLN A 120 36.85 -25.85 -22.68
N ASP A 121 35.80 -26.61 -22.40
CA ASP A 121 34.56 -26.70 -23.19
C ASP A 121 33.37 -27.00 -22.26
N ILE A 122 32.15 -26.90 -22.78
CA ILE A 122 30.91 -27.31 -22.11
C ILE A 122 30.27 -28.53 -22.79
N GLY A 123 30.53 -28.76 -24.07
CA GLY A 123 29.76 -29.70 -24.87
C GLY A 123 28.26 -29.40 -24.90
N HIS A 124 27.49 -30.35 -25.43
CA HIS A 124 26.02 -30.36 -25.31
C HIS A 124 25.64 -30.53 -23.83
N ILE A 125 24.68 -29.75 -23.36
CA ILE A 125 24.12 -29.89 -22.01
C ILE A 125 22.62 -29.73 -22.10
N THR A 126 21.89 -30.54 -21.34
CA THR A 126 20.44 -30.45 -21.21
C THR A 126 20.06 -30.44 -19.75
N MET A 127 19.02 -29.68 -19.43
CA MET A 127 18.60 -29.26 -18.12
C MET A 127 17.09 -29.40 -18.01
N GLN A 128 16.64 -29.92 -16.87
CA GLN A 128 15.25 -30.13 -16.51
C GLN A 128 14.83 -29.06 -15.54
N TYR A 129 13.58 -28.66 -15.65
CA TYR A 129 12.88 -27.98 -14.59
C TYR A 129 11.59 -28.71 -14.27
N MET A 130 11.14 -28.62 -13.03
CA MET A 130 9.83 -29.10 -12.62
C MET A 130 9.17 -28.12 -11.66
N TYR A 131 7.92 -27.77 -11.92
CA TYR A 131 7.07 -27.27 -10.86
C TYR A 131 6.70 -28.42 -9.92
N VAL A 132 7.08 -28.28 -8.66
CA VAL A 132 6.76 -29.19 -7.57
C VAL A 132 5.66 -28.53 -6.75
N PRO A 133 4.39 -28.71 -7.09
CA PRO A 133 3.31 -28.37 -6.16
C PRO A 133 3.50 -29.13 -4.86
N PRO A 134 3.02 -28.59 -3.73
CA PRO A 134 3.20 -29.23 -2.43
C PRO A 134 2.63 -30.65 -2.46
N GLY A 135 3.24 -31.57 -1.74
CA GLY A 135 2.84 -32.98 -1.73
C GLY A 135 3.11 -33.75 -3.03
N ALA A 136 3.77 -33.17 -4.02
CA ALA A 136 4.56 -33.96 -4.94
C ALA A 136 5.80 -34.49 -4.20
N PRO A 137 6.32 -35.68 -4.51
CA PRO A 137 7.54 -36.18 -3.90
C PRO A 137 8.73 -35.35 -4.40
N VAL A 138 9.40 -34.63 -3.51
CA VAL A 138 10.49 -33.74 -3.90
C VAL A 138 11.68 -34.57 -4.35
N PRO A 139 12.31 -34.29 -5.51
CA PRO A 139 13.52 -35.00 -5.91
C PRO A 139 14.63 -34.81 -4.88
N ASN A 140 15.25 -35.90 -4.45
CA ASN A 140 16.34 -35.92 -3.46
C ASN A 140 17.72 -36.01 -4.10
N SER A 141 17.76 -36.35 -5.39
CA SER A 141 18.94 -36.82 -6.08
C SER A 141 18.81 -36.48 -7.55
N ARG A 142 19.91 -36.16 -8.24
CA ARG A 142 19.91 -35.95 -9.70
C ARG A 142 19.49 -37.21 -10.46
N ASP A 143 19.47 -38.37 -9.81
CA ASP A 143 18.98 -39.65 -10.33
C ASP A 143 17.61 -40.08 -9.76
N ASP A 144 16.95 -39.26 -8.96
CA ASP A 144 15.67 -39.60 -8.34
C ASP A 144 14.57 -39.95 -9.35
N TYR A 145 13.77 -41.00 -9.10
CA TYR A 145 12.61 -41.33 -9.94
C TYR A 145 11.65 -40.14 -10.09
N ALA A 146 11.64 -39.23 -9.13
CA ALA A 146 10.88 -38.02 -9.20
C ALA A 146 11.18 -37.15 -10.43
N TRP A 147 12.28 -37.37 -11.18
CA TRP A 147 12.47 -36.70 -12.46
C TRP A 147 11.50 -37.16 -13.52
N GLN A 148 10.97 -38.37 -13.41
CA GLN A 148 9.81 -38.78 -14.19
C GLN A 148 8.67 -37.84 -13.80
N SER A 149 7.80 -37.46 -14.73
CA SER A 149 6.80 -36.43 -14.41
C SER A 149 5.55 -36.60 -15.25
N GLY A 150 4.73 -37.59 -14.91
CA GLY A 150 3.52 -37.92 -15.66
C GLY A 150 2.47 -36.81 -15.69
N THR A 151 2.51 -35.88 -14.75
CA THR A 151 1.47 -34.87 -14.57
C THR A 151 2.00 -33.57 -14.01
N ASN A 152 3.14 -33.59 -13.30
CA ASN A 152 3.83 -32.38 -12.91
C ASN A 152 4.27 -31.62 -14.14
N ALA A 153 4.16 -30.30 -14.13
CA ALA A 153 4.71 -29.49 -15.20
C ALA A 153 6.25 -29.49 -15.13
N SER A 154 6.85 -30.32 -15.97
CA SER A 154 8.30 -30.39 -16.15
C SER A 154 8.67 -30.02 -17.58
N VAL A 155 9.77 -29.32 -17.74
CA VAL A 155 10.16 -28.67 -19.00
C VAL A 155 11.67 -28.68 -19.18
N PHE A 156 12.13 -28.64 -20.42
CA PHE A 156 13.52 -28.87 -20.74
C PHE A 156 14.17 -27.75 -21.50
N TRP A 157 15.44 -27.54 -21.21
CA TRP A 157 16.31 -26.64 -21.95
C TRP A 157 17.67 -27.26 -22.21
N GLN A 158 18.33 -26.84 -23.27
CA GLN A 158 19.66 -27.30 -23.61
C GLN A 158 20.45 -26.21 -24.29
N HIS A 159 21.76 -26.35 -24.30
CA HIS A 159 22.63 -25.41 -24.97
C HIS A 159 22.19 -25.10 -26.41
N GLY A 160 22.19 -23.83 -26.76
CA GLY A 160 21.75 -23.34 -28.08
C GLY A 160 20.24 -23.23 -28.25
N GLN A 161 19.41 -23.75 -27.35
CA GLN A 161 17.96 -23.57 -27.41
C GLN A 161 17.55 -22.16 -26.98
N ALA A 162 16.48 -21.63 -27.55
CA ALA A 162 15.86 -20.37 -27.14
C ALA A 162 15.38 -20.38 -25.68
N TYR A 163 15.11 -19.21 -25.11
CA TYR A 163 14.62 -19.08 -23.74
C TYR A 163 13.27 -19.79 -23.56
N PRO A 164 13.13 -20.74 -22.64
CA PRO A 164 11.86 -21.36 -22.34
C PRO A 164 10.92 -20.37 -21.66
N ARG A 165 9.63 -20.59 -21.85
CA ARG A 165 8.56 -19.83 -21.20
C ARG A 165 7.35 -20.72 -21.05
N PHE A 166 6.51 -20.43 -20.09
CA PHE A 166 5.16 -20.96 -20.07
C PHE A 166 4.20 -19.99 -19.39
N SER A 167 2.94 -20.13 -19.74
CA SER A 167 1.83 -19.47 -19.07
C SER A 167 1.39 -20.34 -17.91
N LEU A 168 1.42 -19.80 -16.71
CA LEU A 168 0.89 -20.43 -15.53
C LEU A 168 -0.38 -19.68 -15.11
N PRO A 169 -1.54 -20.33 -15.04
CA PRO A 169 -2.76 -19.67 -14.59
C PRO A 169 -2.70 -19.31 -13.11
N PHE A 170 -3.61 -18.45 -12.66
CA PHE A 170 -3.77 -18.13 -11.26
C PHE A 170 -4.04 -19.36 -10.37
N LEU A 171 -3.22 -19.61 -9.35
CA LEU A 171 -3.19 -20.89 -8.66
C LEU A 171 -4.07 -21.02 -7.42
N SER A 172 -4.36 -19.93 -6.70
CA SER A 172 -4.67 -20.08 -5.26
C SER A 172 -5.93 -20.88 -4.97
N VAL A 173 -5.96 -21.59 -3.85
CA VAL A 173 -7.19 -22.14 -3.29
C VAL A 173 -8.22 -21.06 -2.96
N ALA A 174 -7.77 -19.83 -2.71
CA ALA A 174 -8.58 -18.65 -2.50
C ALA A 174 -8.77 -17.86 -3.80
N SER A 175 -9.48 -16.73 -3.74
CA SER A 175 -9.78 -15.89 -4.91
C SER A 175 -8.55 -15.18 -5.48
N ALA A 176 -7.59 -14.85 -4.61
CA ALA A 176 -6.43 -14.03 -4.91
C ALA A 176 -5.28 -14.43 -3.99
N TYR A 177 -4.03 -14.20 -4.40
CA TYR A 177 -2.90 -14.39 -3.53
C TYR A 177 -2.93 -13.36 -2.41
N TYR A 178 -2.74 -13.80 -1.18
CA TYR A 178 -2.41 -12.94 -0.07
C TYR A 178 -1.08 -12.25 -0.33
N MET A 179 -1.06 -10.93 -0.40
CA MET A 179 0.20 -10.19 -0.34
C MET A 179 0.69 -10.09 1.10
N PHE A 180 -0.25 -10.14 2.04
CA PHE A 180 -0.03 -10.12 3.47
C PHE A 180 -1.08 -10.99 4.15
N TYR A 181 -0.85 -11.41 5.37
CA TYR A 181 -1.81 -12.15 6.17
C TYR A 181 -1.61 -11.80 7.64
N ASP A 182 -2.67 -11.87 8.43
CA ASP A 182 -2.69 -11.35 9.79
C ASP A 182 -3.00 -12.41 10.84
N GLY A 183 -2.21 -13.47 10.83
CA GLY A 183 -2.40 -14.56 11.76
C GLY A 183 -1.54 -15.71 11.36
N TYR A 184 -2.08 -16.92 11.47
CA TYR A 184 -1.30 -18.12 11.49
C TYR A 184 -1.97 -19.28 10.76
N ASP A 185 -1.18 -20.31 10.49
CA ASP A 185 -1.70 -21.67 10.40
C ASP A 185 -2.18 -22.04 11.80
N GLU A 186 -3.28 -22.77 11.90
CA GLU A 186 -4.20 -22.81 13.04
C GLU A 186 -3.63 -23.10 14.44
N GLN A 187 -2.42 -23.67 14.51
CA GLN A 187 -1.66 -23.93 15.74
C GLN A 187 -0.52 -22.91 15.97
N ASP A 188 -0.60 -21.75 15.32
CA ASP A 188 -0.02 -20.49 15.75
C ASP A 188 1.50 -20.32 15.67
N GLN A 189 2.08 -20.58 14.48
CA GLN A 189 3.44 -20.17 14.10
C GLN A 189 3.46 -19.76 12.62
N ASN A 190 4.60 -19.24 12.15
CA ASN A 190 4.82 -18.79 10.78
C ASN A 190 3.99 -17.54 10.41
N TYR A 191 3.77 -16.62 11.36
CA TYR A 191 2.83 -15.50 11.20
C TYR A 191 2.94 -14.78 9.86
N GLY A 192 1.83 -14.69 9.15
CA GLY A 192 1.69 -13.97 7.89
C GLY A 192 1.80 -14.85 6.65
N THR A 193 2.39 -14.33 5.59
CA THR A 193 2.34 -15.01 4.29
C THR A 193 2.91 -16.42 4.32
N ALA A 194 3.83 -16.72 5.24
CA ALA A 194 4.39 -18.06 5.38
C ALA A 194 3.32 -19.10 5.72
N ASN A 195 2.16 -18.69 6.22
CA ASN A 195 0.98 -19.51 6.32
C ASN A 195 0.35 -19.72 4.94
N THR A 196 -0.17 -18.65 4.37
CA THR A 196 -1.10 -18.67 3.23
C THR A 196 -0.45 -19.04 1.91
N ASN A 197 0.82 -18.70 1.72
CA ASN A 197 1.47 -18.69 0.41
C ASN A 197 2.26 -19.96 0.14
N ASN A 198 1.75 -21.12 0.58
CA ASN A 198 2.34 -22.41 0.23
C ASN A 198 2.01 -22.81 -1.22
N MET A 199 2.74 -22.24 -2.18
CA MET A 199 2.71 -22.65 -3.58
C MET A 199 3.57 -23.88 -3.89
N GLY A 200 4.29 -24.41 -2.90
CA GLY A 200 5.37 -25.35 -3.17
C GLY A 200 6.53 -24.66 -3.87
N SER A 201 7.21 -25.37 -4.76
CA SER A 201 8.56 -25.01 -5.20
C SER A 201 8.79 -25.24 -6.67
N LEU A 202 9.70 -24.47 -7.27
CA LEU A 202 10.30 -24.81 -8.54
C LEU A 202 11.51 -25.71 -8.28
N CYS A 203 11.91 -26.48 -9.28
CA CYS A 203 13.06 -27.35 -9.21
C CYS A 203 13.82 -27.37 -10.53
N SER A 204 15.12 -27.65 -10.48
CA SER A 204 15.96 -27.82 -11.67
C SER A 204 17.01 -28.91 -11.47
N ARG A 205 17.48 -29.52 -12.58
CA ARG A 205 18.38 -30.68 -12.57
C ARG A 205 19.02 -30.97 -13.92
N ILE A 206 20.32 -31.19 -13.95
CA ILE A 206 21.01 -31.54 -15.18
C ILE A 206 20.59 -32.92 -15.68
N VAL A 207 20.21 -32.98 -16.95
CA VAL A 207 19.61 -34.13 -17.61
C VAL A 207 20.64 -34.93 -18.39
N THR A 208 21.59 -34.27 -19.01
CA THR A 208 22.78 -34.96 -19.51
C THR A 208 23.41 -35.79 -18.40
N GLU A 209 23.89 -36.98 -18.72
CA GLU A 209 24.56 -37.87 -17.79
C GLU A 209 25.97 -37.38 -17.45
N LYS A 210 26.65 -38.04 -16.51
CA LYS A 210 28.00 -37.69 -16.07
C LYS A 210 28.92 -37.41 -17.26
N HIS A 211 29.67 -36.32 -17.18
CA HIS A 211 30.56 -35.84 -18.24
C HIS A 211 31.68 -35.01 -17.62
N ILE A 212 32.78 -34.81 -18.35
CA ILE A 212 34.02 -34.28 -17.77
C ILE A 212 34.00 -32.78 -17.46
N HIS A 213 33.05 -31.99 -17.99
CA HIS A 213 33.13 -30.54 -17.89
C HIS A 213 32.59 -30.02 -16.56
N LYS A 214 33.47 -29.54 -15.70
CA LYS A 214 33.09 -28.72 -14.54
C LYS A 214 32.41 -27.44 -15.01
N VAL A 215 31.14 -27.25 -14.65
CA VAL A 215 30.33 -26.10 -15.07
C VAL A 215 29.41 -25.63 -13.96
N HIS A 216 29.09 -24.35 -13.99
CA HIS A 216 27.99 -23.78 -13.24
C HIS A 216 26.85 -23.53 -14.18
N ILE A 217 25.65 -23.87 -13.75
CA ILE A 217 24.45 -23.45 -14.43
C ILE A 217 23.79 -22.42 -13.55
N MET A 218 23.41 -21.31 -14.16
CA MET A 218 22.61 -20.30 -13.51
C MET A 218 21.36 -20.06 -14.33
N THR A 219 20.19 -20.16 -13.72
CA THR A 219 18.95 -19.72 -14.36
C THR A 219 18.46 -18.49 -13.64
N ARG A 220 18.35 -17.38 -14.36
CA ARG A 220 17.49 -16.28 -13.89
C ARG A 220 16.09 -16.59 -14.33
N ILE A 221 15.15 -16.55 -13.40
CA ILE A 221 13.74 -16.84 -13.67
C ILE A 221 12.93 -15.56 -13.56
N TYR A 222 12.09 -15.32 -14.53
CA TYR A 222 11.33 -14.08 -14.70
C TYR A 222 9.85 -14.36 -14.72
N HIS A 223 9.07 -13.37 -14.31
CA HIS A 223 7.63 -13.43 -14.46
C HIS A 223 7.02 -12.06 -14.65
N LYS A 224 5.93 -12.07 -15.41
CA LYS A 224 4.98 -10.98 -15.60
C LYS A 224 3.59 -11.48 -15.25
N ALA A 225 2.92 -10.73 -14.40
CA ALA A 225 1.52 -10.95 -14.13
C ALA A 225 0.69 -10.28 -15.23
N LYS A 226 -0.18 -11.03 -15.90
CA LYS A 226 -1.19 -10.49 -16.82
C LYS A 226 -2.52 -11.20 -16.65
N HIS A 227 -3.54 -10.63 -17.27
CA HIS A 227 -4.92 -10.78 -16.83
C HIS A 227 -5.07 -10.44 -15.34
N VAL A 228 -4.44 -9.35 -14.92
CA VAL A 228 -4.32 -9.02 -13.50
C VAL A 228 -5.59 -8.41 -12.91
N LYS A 229 -5.77 -8.60 -11.61
CA LYS A 229 -6.68 -7.88 -10.72
C LYS A 229 -6.02 -7.71 -9.35
N ALA A 230 -6.36 -6.64 -8.65
CA ALA A 230 -5.72 -6.30 -7.39
C ALA A 230 -6.73 -5.73 -6.40
N TRP A 231 -6.36 -5.76 -5.13
CA TRP A 231 -7.31 -5.62 -4.05
C TRP A 231 -6.76 -4.74 -2.96
N CYS A 232 -7.47 -3.64 -2.70
CA CYS A 232 -7.19 -2.63 -1.71
C CYS A 232 -5.71 -2.23 -1.64
N PRO A 233 -5.31 -1.11 -2.23
CA PRO A 233 -3.93 -0.69 -2.20
C PRO A 233 -3.45 -0.47 -0.78
N ARG A 234 -2.15 -0.65 -0.55
CA ARG A 234 -1.49 -0.44 0.75
C ARG A 234 -0.11 0.22 0.55
N PRO A 235 0.44 0.93 1.53
CA PRO A 235 1.55 1.85 1.29
C PRO A 235 2.82 1.10 0.86
N PRO A 236 3.69 1.73 0.07
CA PRO A 236 4.90 1.11 -0.45
C PRO A 236 5.92 0.83 0.67
N ARG A 237 6.78 -0.16 0.45
CA ARG A 237 7.90 -0.47 1.35
C ARG A 237 8.87 0.69 1.42
N ALA A 238 9.18 1.16 2.62
CA ALA A 238 10.03 2.32 2.86
C ALA A 238 11.53 2.02 2.96
N LEU A 239 11.90 0.77 3.21
CA LEU A 239 13.26 0.37 3.61
C LEU A 239 13.61 -1.00 3.04
N GLU A 240 14.90 -1.30 2.95
CA GLU A 240 15.44 -2.61 2.53
C GLU A 240 14.62 -3.80 3.07
N TYR A 241 14.47 -4.84 2.25
CA TYR A 241 13.90 -6.10 2.70
C TYR A 241 14.85 -6.92 3.57
N THR A 242 14.34 -8.00 4.15
CA THR A 242 15.08 -8.72 5.21
C THR A 242 14.76 -10.20 5.29
N ARG A 243 13.50 -10.62 5.11
CA ARG A 243 13.07 -11.94 5.60
C ARG A 243 11.89 -12.54 4.82
N ALA A 244 11.94 -12.44 3.49
CA ALA A 244 10.94 -12.97 2.54
C ALA A 244 9.50 -12.82 3.02
N HIS A 245 8.87 -13.89 3.52
CA HIS A 245 7.49 -13.85 4.00
C HIS A 245 7.22 -12.76 5.02
N ARG A 246 8.18 -12.50 5.91
CA ARG A 246 7.99 -11.61 7.05
C ARG A 246 8.26 -10.17 6.64
N THR A 247 7.52 -9.23 7.20
CA THR A 247 7.67 -7.79 6.93
C THR A 247 8.82 -7.15 7.72
N ASN A 248 9.62 -7.95 8.42
CA ASN A 248 10.76 -7.48 9.22
C ASN A 248 11.63 -6.49 8.42
N PHE A 249 12.15 -5.48 9.12
CA PHE A 249 12.90 -4.39 8.49
C PHE A 249 13.99 -3.82 9.39
N LYS A 250 13.86 -3.96 10.71
CA LYS A 250 14.89 -3.58 11.66
C LYS A 250 16.04 -4.58 11.52
N ILE A 251 17.02 -4.28 10.68
CA ILE A 251 18.16 -5.16 10.39
C ILE A 251 19.18 -5.16 11.56
N GLU A 252 19.95 -6.23 11.69
CA GLU A 252 20.92 -6.40 12.78
C GLU A 252 22.11 -5.44 12.68
N ASP A 253 22.52 -4.85 13.80
CA ASP A 253 23.65 -3.90 13.89
C ASP A 253 23.55 -2.72 12.91
N ARG A 254 22.31 -2.32 12.61
CA ARG A 254 21.93 -1.32 11.61
C ARG A 254 20.83 -0.40 12.13
N SER A 255 20.54 0.65 11.37
CA SER A 255 19.56 1.68 11.70
C SER A 255 18.67 2.02 10.50
N ILE A 256 17.51 2.62 10.76
CA ILE A 256 16.37 2.74 9.84
C ILE A 256 16.49 3.93 8.88
N GLN A 257 17.53 3.91 8.04
CA GLN A 257 17.81 4.93 7.02
C GLN A 257 16.85 4.83 5.82
N THR A 258 15.63 5.33 5.98
CA THR A 258 14.58 5.30 4.95
C THR A 258 14.92 6.09 3.70
N ALA A 259 14.06 6.01 2.68
CA ALA A 259 14.12 6.85 1.48
C ALA A 259 13.99 8.36 1.73
N ILE A 260 13.49 8.82 2.89
CA ILE A 260 13.42 10.25 3.18
C ILE A 260 14.84 10.81 3.39
N VAL A 261 15.16 11.95 2.79
CA VAL A 261 16.44 12.65 2.99
C VAL A 261 16.21 13.99 3.68
N THR A 262 17.02 14.31 4.69
CA THR A 262 16.91 15.56 5.47
C THR A 262 17.49 16.77 4.75
N ARG A 263 17.08 17.96 5.18
CA ARG A 263 17.64 19.25 4.75
C ARG A 263 17.93 20.16 5.93
N PRO A 264 18.76 21.21 5.76
CA PRO A 264 19.19 22.06 6.87
C PRO A 264 18.06 22.88 7.49
N ILE A 265 17.17 23.44 6.68
CA ILE A 265 16.03 24.22 7.18
C ILE A 265 14.81 24.13 6.25
N ILE A 266 13.62 24.11 6.85
CA ILE A 266 12.36 23.85 6.14
C ILE A 266 11.86 25.06 5.32
N THR A 267 12.44 26.23 5.54
CA THR A 267 12.29 27.44 4.73
C THR A 267 13.22 27.50 3.51
N THR A 268 14.09 26.51 3.31
CA THR A 268 14.97 26.39 2.14
C THR A 268 14.59 25.16 1.34
N ALA A 269 14.30 25.29 0.05
CA ALA A 269 13.87 24.17 -0.79
C ALA A 269 15.00 23.15 -1.06
N ARG B 1 -23.01 19.33 11.10
CA ARG B 1 -22.13 18.16 11.25
C ARG B 1 -22.54 17.28 12.43
N ILE B 2 -23.70 16.61 12.33
CA ILE B 2 -24.30 15.79 13.40
C ILE B 2 -24.76 14.44 12.86
N ILE B 3 -24.63 13.36 13.65
CA ILE B 3 -25.05 12.02 13.27
C ILE B 3 -25.68 11.29 14.45
N GLN B 4 -26.61 10.38 14.17
CA GLN B 4 -26.96 9.31 15.09
C GLN B 4 -26.89 7.96 14.40
N ILE B 5 -26.59 6.94 15.20
CA ILE B 5 -26.17 5.62 14.78
C ILE B 5 -26.99 4.62 15.58
N THR B 6 -27.45 3.52 14.97
CA THR B 6 -28.28 2.53 15.66
C THR B 6 -28.01 1.15 15.09
N ARG B 7 -27.44 0.27 15.91
CA ARG B 7 -27.18 -1.13 15.53
C ARG B 7 -27.57 -2.09 16.64
N GLY B 8 -28.35 -3.09 16.25
CA GLY B 8 -28.77 -4.28 16.97
C GLY B 8 -29.60 -4.03 18.23
N ASP B 9 -29.15 -3.14 19.11
CA ASP B 9 -29.91 -2.66 20.25
C ASP B 9 -29.39 -1.31 20.76
N SER B 10 -28.34 -0.75 20.19
CA SER B 10 -27.53 0.27 20.85
C SER B 10 -27.17 1.39 19.90
N THR B 11 -27.01 2.59 20.46
CA THR B 11 -26.99 3.81 19.68
C THR B 11 -25.91 4.79 20.11
N ILE B 12 -25.47 5.57 19.13
CA ILE B 12 -24.26 6.36 19.24
C ILE B 12 -24.53 7.68 18.54
N THR B 13 -23.86 8.72 18.96
CA THR B 13 -23.95 10.00 18.26
C THR B 13 -22.66 10.80 18.39
N SER B 14 -22.42 11.67 17.44
CA SER B 14 -21.65 12.87 17.70
C SER B 14 -22.37 14.02 17.03
N GLN B 15 -22.36 15.15 17.72
CA GLN B 15 -22.84 16.42 17.24
C GLN B 15 -21.69 17.38 16.89
N ASP B 16 -20.48 16.84 16.75
CA ASP B 16 -19.35 17.50 16.11
C ASP B 16 -18.49 16.45 15.41
N VAL B 17 -19.02 15.94 14.29
CA VAL B 17 -18.33 14.96 13.45
C VAL B 17 -18.71 15.16 11.97
N ALA B 18 -17.80 14.82 11.08
CA ALA B 18 -18.06 14.72 9.65
C ALA B 18 -18.22 13.24 9.30
N ASN B 19 -19.25 12.91 8.54
CA ASN B 19 -19.67 11.52 8.31
C ASN B 19 -18.52 10.60 7.89
N ALA B 20 -18.62 9.32 8.25
CA ALA B 20 -17.68 8.33 7.75
C ALA B 20 -17.74 8.27 6.23
N ILE B 21 -16.59 8.18 5.58
CA ILE B 21 -16.54 7.51 4.29
C ILE B 21 -16.83 6.03 4.57
N VAL B 22 -17.76 5.42 3.85
CA VAL B 22 -17.92 3.96 3.87
C VAL B 22 -16.71 3.37 3.15
N ALA B 23 -16.05 2.38 3.74
CA ALA B 23 -14.86 1.78 3.13
C ALA B 23 -15.17 1.30 1.71
N TYR B 24 -14.46 1.86 0.73
CA TYR B 24 -14.64 1.57 -0.70
C TYR B 24 -16.08 1.77 -1.20
N GLY B 25 -16.90 2.49 -0.46
CA GLY B 25 -18.32 2.68 -0.74
C GLY B 25 -19.20 1.44 -0.57
N VAL B 26 -18.68 0.29 -0.15
CA VAL B 26 -19.49 -0.93 -0.07
C VAL B 26 -20.16 -1.04 1.29
N TRP B 27 -21.45 -0.73 1.34
CA TRP B 27 -22.24 -0.85 2.57
C TRP B 27 -22.28 -2.33 3.00
N PRO B 28 -22.14 -2.67 4.29
CA PRO B 28 -21.97 -4.06 4.69
C PRO B 28 -23.16 -4.94 4.30
N HIS B 29 -22.87 -6.21 4.02
CA HIS B 29 -23.87 -7.20 3.60
C HIS B 29 -23.45 -8.63 3.95
N TYR B 30 -24.42 -9.54 4.02
CA TYR B 30 -24.18 -10.97 4.17
C TYR B 30 -23.48 -11.58 2.96
N LEU B 31 -22.93 -12.78 3.09
CA LEU B 31 -22.40 -13.54 1.95
C LEU B 31 -23.47 -13.76 0.87
N SER B 32 -23.02 -14.09 -0.34
CA SER B 32 -23.91 -14.46 -1.44
C SER B 32 -23.82 -15.94 -1.74
N SER B 33 -24.96 -16.54 -2.07
CA SER B 33 -25.04 -17.85 -2.72
C SER B 33 -24.12 -17.97 -3.94
N LYS B 34 -23.84 -16.87 -4.65
CA LYS B 34 -22.94 -16.85 -5.81
C LYS B 34 -21.46 -17.01 -5.45
N ASP B 35 -21.06 -16.62 -4.24
CA ASP B 35 -19.65 -16.54 -3.85
C ASP B 35 -19.25 -17.47 -2.71
N ALA B 36 -20.20 -18.00 -1.96
CA ALA B 36 -19.94 -18.75 -0.74
C ALA B 36 -19.08 -20.01 -0.92
N SER B 37 -18.39 -20.43 0.15
CA SER B 37 -17.68 -21.72 0.24
C SER B 37 -18.38 -22.67 1.20
N ALA B 38 -18.75 -22.21 2.39
CA ALA B 38 -19.36 -23.04 3.42
C ALA B 38 -20.76 -23.54 3.05
N ILE B 39 -21.06 -24.77 3.43
CA ILE B 39 -22.27 -25.48 2.98
C ILE B 39 -23.53 -25.20 3.83
N ASP B 40 -23.41 -25.00 5.14
CA ASP B 40 -24.60 -24.84 6.00
C ASP B 40 -25.34 -23.53 5.74
N LYS B 41 -26.58 -23.42 6.23
CA LYS B 41 -27.17 -22.12 6.51
C LYS B 41 -26.50 -21.57 7.78
N PRO B 42 -25.72 -20.48 7.71
CA PRO B 42 -24.87 -20.03 8.80
C PRO B 42 -25.62 -19.28 9.91
N SER B 43 -24.93 -19.06 11.03
CA SER B 43 -25.47 -18.45 12.25
C SER B 43 -25.63 -16.93 12.13
N GLN B 44 -26.87 -16.43 12.08
CA GLN B 44 -27.18 -14.99 12.09
C GLN B 44 -27.67 -14.51 13.47
N PRO B 45 -26.80 -14.19 14.44
CA PRO B 45 -27.25 -13.60 15.71
C PRO B 45 -27.91 -12.24 15.55
N ASP B 46 -27.74 -11.59 14.40
CA ASP B 46 -28.45 -10.37 14.02
C ASP B 46 -28.36 -9.32 15.15
N THR B 47 -29.48 -8.80 15.64
CA THR B 47 -29.54 -7.77 16.66
C THR B 47 -28.75 -8.07 17.91
N SER B 48 -28.71 -9.34 18.32
CA SER B 48 -28.03 -9.72 19.54
C SER B 48 -26.50 -9.66 19.43
N SER B 49 -25.95 -9.37 18.26
CA SER B 49 -24.51 -9.23 18.11
C SER B 49 -24.03 -8.21 17.08
N ASN B 50 -24.84 -7.87 16.09
CA ASN B 50 -24.60 -6.73 15.23
C ASN B 50 -25.10 -5.48 15.95
N ARG B 51 -24.50 -5.26 17.10
CA ARG B 51 -24.75 -4.22 18.08
C ARG B 51 -23.43 -3.78 18.66
N PHE B 52 -23.39 -2.62 19.30
CA PHE B 52 -22.14 -2.07 19.78
C PHE B 52 -21.58 -2.76 21.00
N TYR B 53 -20.27 -2.69 21.12
CA TYR B 53 -19.45 -3.10 22.23
C TYR B 53 -18.24 -2.17 22.25
N THR B 54 -17.60 -1.96 23.40
CA THR B 54 -16.56 -0.94 23.49
C THR B 54 -15.38 -1.36 24.35
N LEU B 55 -14.22 -0.79 24.08
CA LEU B 55 -12.96 -1.23 24.68
C LEU B 55 -12.66 -0.45 25.96
N ARG B 56 -11.85 -1.02 26.84
CA ARG B 56 -11.30 -0.34 28.02
C ARG B 56 -10.69 1.00 27.65
N SER B 57 -10.74 1.97 28.55
CA SER B 57 -10.14 3.29 28.34
C SER B 57 -8.62 3.20 28.17
N VAL B 58 -8.14 3.61 27.00
CA VAL B 58 -6.78 4.15 26.88
C VAL B 58 -6.82 5.63 27.24
N THR B 59 -5.69 6.24 27.51
CA THR B 59 -5.60 7.69 27.68
C THR B 59 -4.29 8.21 27.14
N TRP B 60 -4.26 9.45 26.70
CA TRP B 60 -3.12 9.98 25.99
C TRP B 60 -2.71 11.38 26.43
N SER B 61 -1.47 11.67 26.08
CA SER B 61 -0.61 12.73 26.56
C SER B 61 0.25 13.18 25.37
N SER B 62 0.87 14.35 25.48
CA SER B 62 1.92 14.77 24.55
C SER B 62 3.01 13.70 24.38
N SER B 63 3.35 12.96 25.44
CA SER B 63 4.38 11.91 25.41
C SER B 63 3.93 10.60 24.75
N SER B 64 2.63 10.40 24.53
CA SER B 64 2.08 9.16 23.99
C SER B 64 2.48 8.90 22.54
N LYS B 65 2.56 7.63 22.11
CA LYS B 65 3.08 7.26 20.79
C LYS B 65 2.14 6.54 19.83
N GLY B 66 1.08 5.89 20.29
CA GLY B 66 0.17 5.17 19.38
C GLY B 66 -0.57 3.99 20.00
N TRP B 67 -1.61 3.54 19.30
CA TRP B 67 -2.42 2.39 19.72
C TRP B 67 -3.00 1.65 18.51
N TRP B 68 -3.24 0.36 18.61
CA TRP B 68 -3.93 -0.40 17.59
C TRP B 68 -4.56 -1.69 18.10
N TRP B 69 -5.41 -2.28 17.27
CA TRP B 69 -6.13 -3.52 17.51
C TRP B 69 -6.27 -4.35 16.25
N LYS B 70 -6.51 -5.65 16.41
CA LYS B 70 -6.67 -6.58 15.31
C LYS B 70 -7.97 -7.36 15.52
N LEU B 71 -8.76 -7.48 14.47
CA LEU B 71 -10.16 -7.87 14.54
C LEU B 71 -10.34 -9.14 13.72
N PRO B 72 -11.13 -10.10 14.20
CA PRO B 72 -12.06 -9.97 15.31
C PRO B 72 -11.44 -10.11 16.71
N ASP B 73 -10.16 -10.40 16.86
CA ASP B 73 -9.60 -10.77 18.16
C ASP B 73 -9.85 -9.72 19.26
N ALA B 74 -9.79 -8.45 18.89
CA ALA B 74 -10.07 -7.34 19.77
C ALA B 74 -11.48 -7.36 20.39
N LEU B 75 -12.37 -8.21 19.88
CA LEU B 75 -13.75 -8.33 20.31
C LEU B 75 -14.08 -9.74 20.80
N LYS B 76 -13.08 -10.59 21.02
CA LYS B 76 -13.27 -11.98 21.46
C LYS B 76 -14.11 -12.12 22.73
N ASP B 77 -14.17 -11.08 23.55
CA ASP B 77 -14.86 -11.08 24.84
C ASP B 77 -16.24 -10.40 24.79
N MET B 78 -16.73 -10.01 23.61
CA MET B 78 -17.97 -9.24 23.44
C MET B 78 -19.22 -10.11 23.42
N GLY B 79 -19.40 -10.85 24.52
CA GLY B 79 -20.51 -11.76 24.75
C GLY B 79 -20.83 -12.56 23.51
N ILE B 80 -22.07 -12.42 23.02
CA ILE B 80 -22.59 -13.15 21.88
C ILE B 80 -21.58 -13.18 20.74
N PHE B 81 -21.00 -12.03 20.38
CA PHE B 81 -20.05 -12.00 19.28
C PHE B 81 -18.85 -12.90 19.58
N GLY B 82 -18.28 -12.72 20.76
CA GLY B 82 -17.12 -13.42 21.24
C GLY B 82 -17.30 -14.92 21.25
N GLU B 83 -18.29 -15.43 21.98
CA GLU B 83 -18.50 -16.87 21.98
C GLU B 83 -18.93 -17.37 20.60
N ASN B 84 -19.81 -16.69 19.87
CA ASN B 84 -20.24 -17.23 18.57
C ASN B 84 -19.02 -17.38 17.64
N MET B 85 -18.10 -16.42 17.72
CA MET B 85 -16.78 -16.56 17.14
C MET B 85 -16.06 -17.80 17.66
N PHE B 86 -15.80 -17.92 18.96
CA PHE B 86 -15.02 -19.02 19.49
C PHE B 86 -15.63 -20.42 19.24
N TYR B 87 -16.93 -20.56 19.09
CA TYR B 87 -17.58 -21.86 18.91
C TYR B 87 -17.64 -22.33 17.46
N HIS B 88 -17.27 -21.49 16.51
CA HIS B 88 -17.24 -21.85 15.10
C HIS B 88 -15.82 -21.90 14.57
N TYR B 89 -15.55 -22.83 13.66
CA TYR B 89 -14.28 -22.80 12.95
C TYR B 89 -14.17 -21.57 12.04
N LEU B 90 -15.28 -21.15 11.41
CA LEU B 90 -15.29 -20.01 10.50
C LEU B 90 -16.38 -19.01 10.83
N GLY B 91 -16.18 -17.79 10.36
CA GLY B 91 -17.22 -16.78 10.24
C GLY B 91 -16.81 -15.65 9.32
N ARG B 92 -17.61 -14.60 9.28
CA ARG B 92 -17.26 -13.31 8.67
C ARG B 92 -18.07 -12.19 9.29
N SER B 93 -17.50 -10.99 9.35
CA SER B 93 -18.24 -9.79 9.72
C SER B 93 -17.50 -8.53 9.28
N GLY B 94 -18.25 -7.53 8.83
CA GLY B 94 -17.75 -6.16 8.75
C GLY B 94 -17.86 -5.46 10.11
N TYR B 95 -17.66 -4.15 10.13
CA TYR B 95 -17.71 -3.38 11.37
C TYR B 95 -18.18 -1.95 11.12
N THR B 96 -18.90 -1.37 12.09
CA THR B 96 -19.01 0.08 12.24
C THR B 96 -18.18 0.46 13.46
N ILE B 97 -17.27 1.42 13.33
CA ILE B 97 -16.40 1.86 14.40
C ILE B 97 -16.53 3.37 14.57
N HIS B 98 -16.63 3.80 15.82
CA HIS B 98 -16.54 5.20 16.19
C HIS B 98 -15.57 5.31 17.35
N VAL B 99 -14.69 6.29 17.29
CA VAL B 99 -13.70 6.61 18.33
C VAL B 99 -14.09 7.90 19.06
N GLN B 100 -14.09 7.84 20.39
CA GLN B 100 -14.62 8.90 21.26
C GLN B 100 -13.50 9.64 21.97
N CYS B 101 -13.44 10.96 21.71
CA CYS B 101 -12.20 11.71 21.88
C CYS B 101 -12.46 13.21 22.10
N ASN B 102 -13.51 13.59 22.80
CA ASN B 102 -13.82 15.01 22.98
C ASN B 102 -12.75 15.69 23.84
N ALA B 103 -12.49 16.96 23.55
CA ALA B 103 -11.65 17.85 24.33
C ALA B 103 -12.40 19.16 24.55
N SER B 104 -11.77 20.17 25.15
CA SER B 104 -12.36 21.51 25.15
C SER B 104 -12.05 22.26 23.85
N LYS B 105 -12.72 23.39 23.63
CA LYS B 105 -12.35 24.38 22.60
C LYS B 105 -10.90 24.89 22.74
N PHE B 106 -10.28 24.61 23.86
CA PHE B 106 -9.01 25.10 24.37
C PHE B 106 -7.90 24.01 24.36
N HIS B 107 -8.04 22.99 23.53
CA HIS B 107 -7.02 21.95 23.32
C HIS B 107 -6.55 21.95 21.87
N GLN B 108 -5.32 21.48 21.63
CA GLN B 108 -4.81 21.17 20.30
C GLN B 108 -4.00 19.87 20.31
N GLY B 109 -3.71 19.39 19.11
CA GLY B 109 -3.33 18.00 18.86
C GLY B 109 -4.27 17.36 17.85
N THR B 110 -3.89 16.22 17.28
CA THR B 110 -4.68 15.49 16.30
C THR B 110 -4.22 14.04 16.28
N LEU B 111 -5.16 13.14 16.07
CA LEU B 111 -4.89 11.73 15.85
C LEU B 111 -5.31 11.39 14.43
N ILE B 112 -4.56 10.52 13.76
CA ILE B 112 -5.12 9.83 12.59
C ILE B 112 -5.65 8.50 13.06
N VAL B 113 -6.87 8.16 12.64
CA VAL B 113 -7.40 6.80 12.70
C VAL B 113 -7.38 6.20 11.32
N ALA B 114 -6.80 5.01 11.20
CA ALA B 114 -6.82 4.23 9.99
C ALA B 114 -7.41 2.86 10.29
N LEU B 115 -8.50 2.51 9.60
CA LEU B 115 -8.81 1.12 9.39
C LEU B 115 -7.73 0.55 8.49
N ILE B 116 -7.27 -0.66 8.74
CA ILE B 116 -6.18 -1.24 7.97
C ILE B 116 -6.37 -2.75 7.80
N PRO B 117 -6.06 -3.32 6.63
CA PRO B 117 -6.16 -4.75 6.36
C PRO B 117 -5.20 -5.63 7.17
N GLU B 118 -4.57 -6.60 6.55
CA GLU B 118 -3.83 -7.67 7.23
C GLU B 118 -2.63 -7.16 8.01
N HIS B 119 -2.12 -5.99 7.59
CA HIS B 119 -1.29 -5.15 8.44
C HIS B 119 -0.19 -5.94 9.14
N GLN B 120 0.54 -6.70 8.34
CA GLN B 120 1.32 -7.82 8.80
C GLN B 120 2.52 -7.28 9.56
N ILE B 121 2.45 -7.31 10.88
CA ILE B 121 3.36 -6.52 11.70
C ILE B 121 4.77 -7.12 11.64
N ALA B 122 5.78 -6.27 11.58
CA ALA B 122 7.18 -6.66 11.65
C ALA B 122 7.62 -6.96 13.09
N SER B 123 8.61 -7.83 13.27
CA SER B 123 9.22 -8.09 14.57
C SER B 123 9.89 -6.86 15.18
N ALA B 124 10.07 -6.82 16.48
CA ALA B 124 10.96 -5.86 17.12
C ALA B 124 12.42 -6.16 16.77
N LEU B 125 12.88 -7.37 17.11
CA LEU B 125 14.26 -7.78 16.88
C LEU B 125 14.52 -8.03 15.39
N HIS B 126 15.78 -7.94 14.99
CA HIS B 126 16.28 -8.36 13.68
C HIS B 126 16.27 -9.89 13.49
N GLY B 127 16.54 -10.34 12.25
CA GLY B 127 16.96 -11.72 11.98
C GLY B 127 15.81 -12.73 11.88
N ASN B 128 16.12 -13.99 12.17
CA ASN B 128 15.18 -15.10 12.04
C ASN B 128 14.16 -15.14 13.19
N VAL B 129 13.21 -14.21 13.15
CA VAL B 129 12.18 -14.03 14.16
C VAL B 129 10.84 -13.68 13.54
N ASN B 130 9.76 -13.87 14.27
CA ASN B 130 8.40 -13.53 13.86
C ASN B 130 7.53 -13.24 15.09
N VAL B 131 6.37 -12.61 14.91
CA VAL B 131 5.54 -12.18 16.04
C VAL B 131 4.81 -13.37 16.68
N GLY B 132 4.84 -13.44 18.02
CA GLY B 132 4.13 -14.45 18.81
C GLY B 132 2.64 -14.16 19.01
N TYR B 133 1.84 -15.22 19.11
CA TYR B 133 0.38 -15.13 19.09
C TYR B 133 -0.20 -14.20 20.15
N ASN B 134 0.39 -14.22 21.34
CA ASN B 134 -0.05 -13.40 22.48
C ASN B 134 -0.10 -11.91 22.14
N TYR B 135 0.75 -11.47 21.21
CA TYR B 135 0.93 -10.08 20.88
C TYR B 135 0.17 -9.72 19.61
N THR B 136 0.14 -10.61 18.61
CA THR B 136 -0.72 -10.41 17.43
C THR B 136 -2.19 -10.41 17.80
N HIS B 137 -2.52 -11.15 18.86
CA HIS B 137 -3.85 -11.30 19.39
C HIS B 137 -3.87 -10.75 20.82
N PRO B 138 -3.76 -9.43 20.99
CA PRO B 138 -3.77 -8.79 22.30
C PRO B 138 -5.15 -8.76 22.93
N GLY B 139 -6.18 -9.29 22.26
CA GLY B 139 -7.57 -9.14 22.65
C GLY B 139 -8.01 -7.68 22.69
N GLU B 140 -9.13 -7.43 23.36
CA GLU B 140 -9.61 -6.08 23.63
C GLU B 140 -8.57 -5.21 24.35
N THR B 141 -7.65 -5.82 25.09
CA THR B 141 -6.55 -5.14 25.77
C THR B 141 -5.69 -4.34 24.81
N GLY B 142 -5.62 -4.72 23.53
CA GLY B 142 -4.98 -3.95 22.47
C GLY B 142 -3.47 -3.77 22.62
N ARG B 143 -2.87 -3.04 21.68
CA ARG B 143 -1.45 -2.63 21.78
C ARG B 143 -1.33 -1.13 21.70
N GLU B 144 -1.23 -0.51 22.87
CA GLU B 144 -0.56 0.77 23.01
C GLU B 144 0.93 0.61 22.73
N VAL B 145 1.55 1.69 22.28
CA VAL B 145 2.98 1.75 21.95
C VAL B 145 3.75 2.41 23.09
N LYS B 146 4.82 1.79 23.59
CA LYS B 146 5.61 2.28 24.73
C LYS B 146 7.12 2.22 24.52
N ALA B 147 7.83 3.03 25.28
CA ALA B 147 9.25 3.24 25.10
C ALA B 147 10.14 2.06 25.54
N GLU B 148 9.66 1.16 26.39
CA GLU B 148 10.55 0.33 27.21
C GLU B 148 10.09 -1.11 27.47
N THR B 149 11.08 -1.99 27.60
CA THR B 149 11.12 -3.25 28.39
C THR B 149 9.99 -4.27 28.21
N ARG B 150 9.31 -4.29 27.06
CA ARG B 150 8.36 -5.35 26.71
C ARG B 150 9.12 -6.67 26.62
N LEU B 151 8.81 -7.63 27.49
CA LEU B 151 9.52 -8.91 27.54
C LEU B 151 9.25 -9.80 26.31
N ASN B 152 9.98 -10.91 26.21
CA ASN B 152 9.93 -11.82 25.05
C ASN B 152 10.18 -11.09 23.71
N PRO B 153 11.14 -10.15 23.64
CA PRO B 153 11.22 -9.12 22.60
C PRO B 153 11.38 -9.70 21.20
N ASP B 154 12.06 -10.84 21.14
CA ASP B 154 12.24 -11.66 19.96
C ASP B 154 10.92 -12.05 19.30
N LEU B 155 9.86 -12.22 20.07
CA LEU B 155 8.52 -12.51 19.57
C LEU B 155 7.62 -11.26 19.60
N GLN B 156 8.07 -10.13 20.16
CA GLN B 156 7.29 -8.90 20.11
C GLN B 156 7.25 -8.33 18.69
N PRO B 157 6.17 -7.65 18.30
CA PRO B 157 6.18 -6.78 17.15
C PRO B 157 7.06 -5.55 17.43
N THR B 158 7.50 -4.86 16.38
CA THR B 158 8.15 -3.55 16.52
C THR B 158 7.22 -2.50 17.11
N GLU B 159 7.79 -1.52 17.82
CA GLU B 159 7.07 -0.34 18.28
C GLU B 159 7.06 0.80 17.24
N GLU B 160 7.66 0.62 16.06
CA GLU B 160 7.95 1.74 15.15
C GLU B 160 6.75 2.25 14.33
N TYR B 161 5.93 3.04 15.01
CA TYR B 161 4.68 3.59 14.55
C TYR B 161 4.76 4.40 13.25
N TRP B 162 5.74 5.27 13.10
CA TRP B 162 5.89 6.09 11.90
C TRP B 162 6.40 5.28 10.71
N LEU B 163 6.89 4.06 10.95
CA LEU B 163 7.11 3.05 9.94
C LEU B 163 5.94 2.04 9.85
N ASN B 164 4.77 2.46 10.34
CA ASN B 164 3.53 1.69 10.38
C ASN B 164 3.68 0.30 10.98
N PHE B 165 4.69 0.11 11.83
CA PHE B 165 5.08 -1.17 12.37
C PHE B 165 5.39 -2.27 11.34
N ASP B 166 5.60 -1.94 10.06
CA ASP B 166 5.86 -2.92 9.00
C ASP B 166 6.93 -2.48 7.99
N GLY B 167 7.51 -1.29 8.18
CA GLY B 167 8.52 -0.75 7.29
C GLY B 167 7.92 -0.02 6.10
N THR B 168 6.74 0.59 6.27
CA THR B 168 6.10 1.46 5.27
C THR B 168 5.92 2.85 5.86
N LEU B 169 5.98 3.89 5.05
CA LEU B 169 5.90 5.24 5.58
C LEU B 169 4.50 5.56 6.07
N LEU B 170 4.41 6.13 7.26
CA LEU B 170 3.22 6.83 7.72
C LEU B 170 2.87 7.99 6.76
N GLY B 171 1.73 8.64 6.90
CA GLY B 171 1.35 9.78 6.04
C GLY B 171 0.88 9.40 4.63
N ASN B 172 1.46 8.36 4.06
CA ASN B 172 0.85 7.56 3.01
C ASN B 172 -0.22 6.62 3.55
N ILE B 173 -0.34 6.47 4.87
CA ILE B 173 -1.33 5.58 5.49
C ILE B 173 -2.77 5.91 5.11
N THR B 174 -3.03 7.17 4.73
CA THR B 174 -4.29 7.62 4.15
C THR B 174 -4.70 6.90 2.88
N ILE B 175 -3.85 6.04 2.33
CA ILE B 175 -4.25 5.07 1.32
C ILE B 175 -5.42 4.21 1.79
N PHE B 176 -5.47 3.83 3.05
CA PHE B 176 -6.62 3.11 3.59
C PHE B 176 -7.78 4.06 3.87
N PRO B 177 -9.01 3.55 4.04
CA PRO B 177 -10.08 4.30 4.67
C PRO B 177 -9.64 4.78 6.06
N HIS B 178 -9.81 6.07 6.33
CA HIS B 178 -9.22 6.75 7.48
C HIS B 178 -10.03 7.99 7.86
N GLN B 179 -9.78 8.54 9.04
CA GLN B 179 -10.28 9.85 9.46
C GLN B 179 -9.24 10.52 10.37
N PHE B 180 -9.40 11.80 10.66
CA PHE B 180 -8.63 12.46 11.71
C PHE B 180 -9.54 12.83 12.88
N ILE B 181 -9.18 12.47 14.10
CA ILE B 181 -9.63 13.29 15.22
C ILE B 181 -8.79 14.55 15.18
N ASN B 182 -9.38 15.66 14.79
CA ASN B 182 -8.76 16.95 14.98
C ASN B 182 -9.66 17.77 15.89
N LEU B 183 -9.12 18.23 17.01
CA LEU B 183 -9.92 18.78 18.09
C LEU B 183 -10.69 20.03 17.67
N ARG B 184 -10.19 20.79 16.70
CA ARG B 184 -10.92 21.88 16.08
C ARG B 184 -12.00 21.35 15.14
N SER B 185 -11.65 20.40 14.28
CA SER B 185 -12.55 19.88 13.26
C SER B 185 -13.73 19.09 13.79
N ASN B 186 -13.54 18.36 14.88
CA ASN B 186 -14.48 17.37 15.38
C ASN B 186 -14.21 17.03 16.85
N ASN B 187 -15.12 16.30 17.48
CA ASN B 187 -14.95 15.78 18.83
C ASN B 187 -14.88 14.24 18.89
N SER B 188 -14.98 13.62 17.73
CA SER B 188 -15.12 12.19 17.50
C SER B 188 -14.88 11.93 16.03
N ALA B 189 -14.65 10.67 15.66
CA ALA B 189 -14.45 10.25 14.28
C ALA B 189 -15.01 8.84 14.09
N THR B 190 -15.31 8.50 12.85
CA THR B 190 -16.07 7.28 12.52
C THR B 190 -15.63 6.69 11.21
N ILE B 191 -15.71 5.37 11.11
CA ILE B 191 -15.46 4.62 9.89
C ILE B 191 -16.33 3.35 9.89
N ILE B 192 -16.79 2.91 8.73
CA ILE B 192 -17.52 1.65 8.62
C ILE B 192 -16.98 0.85 7.46
N ALA B 193 -16.96 -0.46 7.60
CA ALA B 193 -16.43 -1.38 6.60
C ALA B 193 -17.27 -2.65 6.45
N PRO B 194 -17.37 -3.18 5.23
CA PRO B 194 -17.92 -4.50 5.02
C PRO B 194 -16.91 -5.55 5.50
N TYR B 195 -17.31 -6.81 5.40
CA TYR B 195 -16.33 -7.89 5.41
C TYR B 195 -15.39 -7.81 4.20
N VAL B 196 -14.20 -8.37 4.34
CA VAL B 196 -13.23 -8.52 3.25
C VAL B 196 -12.42 -9.77 3.53
N ASN B 197 -12.10 -10.56 2.53
CA ASN B 197 -10.91 -11.42 2.53
C ASN B 197 -10.65 -11.88 1.09
N ALA B 198 -9.49 -12.45 0.81
CA ALA B 198 -9.31 -13.31 -0.35
C ALA B 198 -10.27 -14.52 -0.35
N VAL B 199 -10.90 -14.83 0.78
CA VAL B 199 -11.82 -15.96 0.98
C VAL B 199 -13.21 -15.50 1.37
N PRO B 200 -14.28 -16.20 0.99
CA PRO B 200 -15.65 -15.76 1.25
C PRO B 200 -16.01 -15.72 2.73
N MET B 201 -15.34 -16.49 3.58
CA MET B 201 -15.37 -16.36 5.04
C MET B 201 -14.11 -17.00 5.61
N ASP B 202 -13.81 -16.85 6.90
CA ASP B 202 -12.45 -17.00 7.42
C ASP B 202 -12.39 -17.58 8.85
N SER B 203 -11.24 -18.13 9.24
CA SER B 203 -10.98 -18.68 10.58
C SER B 203 -10.66 -17.59 11.59
N MET B 204 -11.74 -16.99 12.07
CA MET B 204 -11.80 -15.85 12.98
C MET B 204 -10.63 -15.74 13.96
N ARG B 205 -10.51 -16.68 14.91
CA ARG B 205 -9.47 -16.63 15.95
C ARG B 205 -8.06 -16.82 15.40
N SER B 206 -7.94 -17.45 14.25
CA SER B 206 -6.66 -17.77 13.60
C SER B 206 -6.14 -16.66 12.71
N HIS B 207 -6.97 -15.68 12.34
CA HIS B 207 -6.58 -14.63 11.42
C HIS B 207 -7.39 -13.36 11.64
N ASN B 208 -6.72 -12.27 11.98
CA ASN B 208 -7.38 -11.00 12.15
C ASN B 208 -7.67 -10.36 10.81
N ASN B 209 -8.83 -10.69 10.28
CA ASN B 209 -9.23 -10.31 8.96
C ASN B 209 -9.35 -8.78 8.76
N TRP B 210 -9.39 -7.98 9.82
CA TRP B 210 -9.30 -6.52 9.76
C TRP B 210 -8.43 -6.04 10.93
N SER B 211 -7.97 -4.78 10.89
CA SER B 211 -7.22 -4.16 11.98
C SER B 211 -7.48 -2.66 12.03
N LEU B 212 -7.25 -2.04 13.18
CA LEU B 212 -7.57 -0.64 13.42
C LEU B 212 -6.42 0.03 14.15
N VAL B 213 -5.99 1.18 13.67
CA VAL B 213 -4.83 1.93 14.14
C VAL B 213 -5.23 3.35 14.47
N ILE B 214 -4.70 3.89 15.56
CA ILE B 214 -4.86 5.30 15.94
C ILE B 214 -3.51 5.86 16.40
N ILE B 215 -3.12 7.00 15.84
CA ILE B 215 -1.77 7.52 15.98
C ILE B 215 -1.78 9.00 16.32
N PRO B 216 -0.97 9.44 17.30
CA PRO B 216 -0.83 10.84 17.66
C PRO B 216 0.06 11.54 16.66
N ILE B 217 -0.53 11.91 15.53
CA ILE B 217 0.17 12.66 14.49
C ILE B 217 0.61 14.03 14.98
N CYS B 218 -0.17 14.66 15.86
CA CYS B 218 0.16 15.97 16.43
C CYS B 218 -0.04 15.88 17.94
N PRO B 219 0.88 16.41 18.75
CA PRO B 219 0.87 16.16 20.18
C PRO B 219 -0.33 16.80 20.86
N LEU B 220 -0.92 16.09 21.80
CA LEU B 220 -1.96 16.62 22.67
C LEU B 220 -1.40 17.75 23.53
N GLU B 221 -2.07 18.89 23.57
CA GLU B 221 -1.87 19.85 24.64
C GLU B 221 -3.10 20.74 24.91
N THR B 222 -3.14 21.22 26.13
CA THR B 222 -3.91 22.36 26.59
C THR B 222 -3.14 23.02 27.72
N SER B 223 -3.37 24.29 28.00
CA SER B 223 -2.83 24.91 29.22
C SER B 223 -3.58 24.46 30.47
N SER B 224 -4.76 23.83 30.34
CA SER B 224 -5.56 23.44 31.49
C SER B 224 -4.90 22.32 32.31
N ALA B 225 -5.22 22.22 33.60
CA ALA B 225 -4.67 21.20 34.49
C ALA B 225 -5.04 19.76 34.07
N ILE B 226 -6.13 19.62 33.31
CA ILE B 226 -6.53 18.39 32.62
C ILE B 226 -5.60 18.12 31.41
N ASN B 227 -4.36 17.75 31.74
CA ASN B 227 -3.23 17.55 30.83
C ASN B 227 -3.36 16.35 29.87
N THR B 228 -4.40 15.54 30.01
CA THR B 228 -4.57 14.27 29.32
C THR B 228 -6.05 14.01 29.10
N ILE B 229 -6.38 13.27 28.05
CA ILE B 229 -7.76 12.86 27.77
C ILE B 229 -7.80 11.37 27.48
N PRO B 230 -8.83 10.67 27.94
CA PRO B 230 -9.03 9.31 27.52
C PRO B 230 -9.37 9.27 26.05
N ILE B 231 -9.16 8.11 25.45
CA ILE B 231 -9.86 7.71 24.23
C ILE B 231 -10.52 6.37 24.51
N THR B 232 -11.64 6.14 23.88
CA THR B 232 -12.31 4.85 23.85
C THR B 232 -12.86 4.64 22.46
N ILE B 233 -13.04 3.38 22.09
CA ILE B 233 -13.57 3.02 20.80
C ILE B 233 -14.72 2.08 21.03
N SER B 234 -15.79 2.29 20.29
CA SER B 234 -16.89 1.35 20.22
C SER B 234 -17.01 0.81 18.81
N ILE B 235 -17.41 -0.44 18.73
CA ILE B 235 -17.55 -1.19 17.50
C ILE B 235 -18.86 -1.93 17.56
N SER B 236 -19.60 -1.94 16.46
CA SER B 236 -20.55 -3.00 16.19
C SER B 236 -20.01 -3.84 15.05
N PRO B 237 -19.99 -5.18 15.18
CA PRO B 237 -19.92 -6.06 14.04
C PRO B 237 -21.07 -5.80 13.08
N MET B 238 -20.90 -6.16 11.81
CA MET B 238 -21.89 -6.02 10.74
C MET B 238 -22.15 -7.34 10.04
N CYS B 239 -23.42 -7.62 9.72
CA CYS B 239 -23.85 -8.84 9.03
C CYS B 239 -23.18 -10.11 9.55
N ALA B 240 -22.87 -10.16 10.84
CA ALA B 240 -22.00 -11.17 11.41
C ALA B 240 -22.56 -12.58 11.22
N GLU B 241 -21.70 -13.49 10.83
CA GLU B 241 -22.05 -14.85 10.44
C GLU B 241 -20.99 -15.81 10.92
N PHE B 242 -21.41 -17.03 11.24
CA PHE B 242 -20.53 -18.06 11.77
C PHE B 242 -20.95 -19.42 11.25
N SER B 243 -19.99 -20.31 11.01
CA SER B 243 -20.24 -21.60 10.38
C SER B 243 -19.24 -22.66 10.83
N GLY B 244 -19.64 -23.92 10.83
CA GLY B 244 -18.86 -25.00 11.44
C GLY B 244 -18.90 -24.96 12.96
N ALA B 245 -20.08 -25.05 13.53
CA ALA B 245 -20.28 -25.10 14.98
C ALA B 245 -19.63 -26.35 15.60
N ARG B 246 -18.88 -26.17 16.68
CA ARG B 246 -18.37 -27.24 17.55
C ARG B 246 -18.09 -26.67 18.92
N ALA B 247 -17.26 -27.31 19.73
CA ALA B 247 -16.89 -26.80 21.05
C ALA B 247 -16.28 -25.37 21.02
N LYS B 248 -16.24 -24.76 22.19
CA LYS B 248 -15.59 -23.48 22.47
C LYS B 248 -14.09 -23.62 22.22
N ARG B 249 -13.51 -22.71 21.43
CA ARG B 249 -12.07 -22.65 21.12
C ARG B 249 -11.23 -22.16 22.31
N GLN B 250 -10.06 -22.76 22.52
CA GLN B 250 -9.09 -22.39 23.57
C GLN B 250 -7.95 -21.53 23.03
N GLY C 1 5.99 -27.43 -45.35
CA GLY C 1 5.27 -26.43 -44.52
C GLY C 1 5.20 -25.10 -45.26
N LEU C 2 4.39 -24.14 -44.81
CA LEU C 2 4.35 -22.81 -45.44
C LEU C 2 5.77 -22.25 -45.56
N PRO C 3 6.12 -21.64 -46.69
CA PRO C 3 7.40 -20.98 -46.81
C PRO C 3 7.38 -19.77 -45.88
N VAL C 4 8.30 -19.73 -44.94
CA VAL C 4 8.43 -18.68 -43.92
C VAL C 4 9.85 -18.17 -43.87
N PHE C 5 10.07 -16.94 -43.43
CA PHE C 5 11.42 -16.44 -43.21
C PHE C 5 11.50 -15.46 -42.03
N ILE C 6 12.63 -15.45 -41.36
CA ILE C 6 12.70 -15.00 -39.98
C ILE C 6 13.34 -13.63 -39.88
N THR C 7 12.62 -12.69 -39.32
CA THR C 7 13.06 -11.31 -39.02
C THR C 7 13.97 -11.26 -37.79
N PRO C 8 14.91 -10.32 -37.70
CA PRO C 8 15.59 -9.99 -36.44
C PRO C 8 14.60 -9.57 -35.36
N GLY C 9 15.04 -9.58 -34.09
CA GLY C 9 14.14 -9.50 -32.94
C GLY C 9 13.52 -10.85 -32.57
N SER C 10 13.78 -11.90 -33.34
CA SER C 10 13.51 -13.29 -32.96
C SER C 10 14.42 -13.78 -31.84
N GLY C 11 13.97 -14.78 -31.09
CA GLY C 11 14.83 -15.56 -30.19
C GLY C 11 15.36 -14.82 -28.97
N GLN C 12 15.07 -13.54 -28.81
CA GLN C 12 15.32 -12.77 -27.59
C GLN C 12 14.20 -12.99 -26.57
N PHE C 13 14.51 -12.72 -25.31
CA PHE C 13 13.51 -12.41 -24.30
C PHE C 13 13.62 -10.94 -23.96
N LEU C 14 12.50 -10.23 -23.99
CA LEU C 14 12.36 -8.85 -23.57
C LEU C 14 11.42 -8.83 -22.35
N THR C 15 11.89 -8.31 -21.23
CA THR C 15 11.10 -8.29 -19.98
C THR C 15 9.82 -7.47 -20.12
N THR C 16 9.73 -6.63 -21.13
CA THR C 16 8.58 -5.80 -21.45
C THR C 16 7.92 -6.22 -22.76
N ASP C 17 8.02 -7.48 -23.16
CA ASP C 17 7.36 -7.99 -24.35
C ASP C 17 5.82 -8.08 -24.22
N ASP C 18 5.16 -8.50 -25.30
CA ASP C 18 3.72 -8.75 -25.33
C ASP C 18 3.35 -9.83 -26.36
N PHE C 19 2.77 -10.95 -25.91
CA PHE C 19 2.50 -12.14 -26.71
C PHE C 19 1.49 -13.09 -26.04
N GLN C 20 0.87 -13.99 -26.81
CA GLN C 20 0.38 -15.28 -26.28
C GLN C 20 1.53 -16.20 -25.86
N SER C 21 1.26 -17.18 -25.01
CA SER C 21 2.20 -18.24 -24.61
C SER C 21 1.45 -19.53 -24.32
N PRO C 22 2.06 -20.71 -24.47
CA PRO C 22 1.44 -21.98 -24.13
C PRO C 22 1.33 -22.21 -22.63
N CYS C 23 0.38 -23.03 -22.23
CA CYS C 23 0.08 -23.31 -20.83
C CYS C 23 1.05 -24.33 -20.23
N ALA C 24 1.56 -24.11 -19.02
CA ALA C 24 2.22 -25.17 -18.25
C ALA C 24 1.24 -26.19 -17.65
N LEU C 25 -0.02 -25.80 -17.48
CA LEU C 25 -0.99 -26.45 -16.62
C LEU C 25 -2.35 -26.53 -17.30
N PRO C 26 -2.43 -27.18 -18.47
CA PRO C 26 -3.67 -27.27 -19.22
C PRO C 26 -4.74 -27.99 -18.43
N TRP C 27 -5.98 -27.77 -18.84
CA TRP C 27 -7.19 -28.25 -18.16
C TRP C 27 -7.45 -27.73 -16.76
N TYR C 28 -6.49 -27.05 -16.12
CA TYR C 28 -6.73 -26.38 -14.86
C TYR C 28 -7.83 -25.32 -14.96
N HIS C 29 -8.42 -24.94 -13.82
CA HIS C 29 -9.36 -23.85 -13.73
C HIS C 29 -9.13 -23.02 -12.47
N PRO C 30 -9.11 -21.68 -12.55
CA PRO C 30 -8.83 -20.83 -11.39
C PRO C 30 -10.01 -20.79 -10.41
N THR C 31 -9.77 -20.34 -9.17
CA THR C 31 -10.86 -20.03 -8.22
C THR C 31 -11.68 -18.86 -8.72
N LYS C 32 -12.97 -18.79 -8.45
CA LYS C 32 -13.79 -17.64 -8.84
C LYS C 32 -13.42 -16.37 -8.09
N GLU C 33 -13.52 -15.24 -8.77
CA GLU C 33 -13.44 -13.91 -8.17
C GLU C 33 -14.71 -13.63 -7.38
N ILE C 34 -14.69 -13.88 -6.07
CA ILE C 34 -15.71 -13.31 -5.18
C ILE C 34 -15.66 -11.78 -5.25
N SER C 35 -16.75 -11.10 -4.91
CA SER C 35 -16.78 -9.63 -4.91
C SER C 35 -16.04 -9.04 -3.71
N ILE C 36 -14.73 -9.19 -3.67
CA ILE C 36 -13.87 -8.52 -2.68
C ILE C 36 -14.09 -7.00 -2.84
N PRO C 37 -14.23 -6.23 -1.75
CA PRO C 37 -14.22 -4.77 -1.83
C PRO C 37 -12.85 -4.24 -2.26
N GLY C 38 -12.73 -2.95 -2.51
CA GLY C 38 -11.42 -2.36 -2.82
C GLY C 38 -10.90 -2.78 -4.19
N GLU C 39 -11.75 -2.67 -5.20
CA GLU C 39 -11.35 -2.77 -6.60
C GLU C 39 -10.33 -1.70 -7.00
N VAL C 40 -9.59 -1.96 -8.07
CA VAL C 40 -8.62 -1.03 -8.68
C VAL C 40 -8.37 -1.41 -10.14
N LYS C 41 -8.12 -0.44 -11.01
CA LYS C 41 -7.88 -0.64 -12.45
C LYS C 41 -6.58 0.03 -12.89
N ASN C 42 -6.21 1.12 -12.24
CA ASN C 42 -5.14 1.99 -12.65
C ASN C 42 -4.38 2.54 -11.42
N LEU C 43 -3.21 3.13 -11.62
CA LEU C 43 -2.50 3.80 -10.55
C LEU C 43 -3.13 5.17 -10.20
N VAL C 44 -3.90 5.80 -11.09
CA VAL C 44 -4.38 7.18 -10.86
C VAL C 44 -5.29 7.32 -9.66
N GLU C 45 -6.08 6.30 -9.33
CA GLU C 45 -6.89 6.32 -8.13
C GLU C 45 -5.99 6.43 -6.88
N ILE C 46 -4.84 5.75 -6.86
CA ILE C 46 -3.87 5.97 -5.79
C ILE C 46 -3.36 7.41 -5.83
N CYS C 47 -3.12 7.97 -7.01
CA CYS C 47 -2.70 9.37 -7.11
C CYS C 47 -3.75 10.31 -6.52
N GLN C 48 -5.03 10.00 -6.69
CA GLN C 48 -6.11 10.82 -6.18
C GLN C 48 -6.14 10.87 -4.65
N VAL C 49 -5.53 9.91 -3.96
CA VAL C 49 -5.48 9.90 -2.50
C VAL C 49 -4.58 11.02 -1.98
N ASP C 50 -5.11 11.87 -1.12
CA ASP C 50 -4.25 12.75 -0.36
C ASP C 50 -3.32 11.97 0.55
N SER C 51 -2.02 12.20 0.45
CA SER C 51 -1.03 11.71 1.42
C SER C 51 -0.20 12.85 1.98
N LEU C 52 0.23 12.70 3.23
CA LEU C 52 1.02 13.73 3.88
C LEU C 52 2.40 13.82 3.24
N VAL C 53 2.86 15.04 3.04
CA VAL C 53 4.29 15.27 2.89
C VAL C 53 4.96 15.11 4.25
N PRO C 54 6.08 14.39 4.35
CA PRO C 54 7.02 14.60 5.44
C PRO C 54 7.77 15.93 5.19
N ILE C 55 7.00 17.02 5.22
CA ILE C 55 7.39 18.41 5.01
C ILE C 55 8.64 18.79 5.77
N ASN C 56 8.68 18.39 7.04
CA ASN C 56 9.62 18.80 8.04
C ASN C 56 10.75 17.76 8.15
N ASN C 57 11.34 17.44 7.00
CA ASN C 57 12.43 16.49 6.87
C ASN C 57 13.76 17.02 7.43
N THR C 58 13.97 16.93 8.74
CA THR C 58 15.26 17.19 9.41
C THR C 58 15.52 16.17 10.51
N ASP C 59 16.78 16.08 10.94
CA ASP C 59 17.24 15.26 12.05
C ASP C 59 16.33 15.32 13.27
N THR C 60 15.90 16.51 13.67
CA THR C 60 15.16 16.70 14.91
C THR C 60 13.74 16.16 14.86
N TYR C 61 13.29 15.68 13.70
CA TYR C 61 11.91 15.21 13.50
C TYR C 61 11.81 13.92 12.71
N ILE C 62 12.84 13.53 11.95
CA ILE C 62 12.77 12.47 10.94
C ILE C 62 12.31 11.14 11.50
N ASN C 63 12.83 10.73 12.65
CA ASN C 63 12.51 9.43 13.24
C ASN C 63 11.18 9.44 14.00
N SER C 64 10.19 10.20 13.51
CA SER C 64 8.96 10.48 14.23
C SER C 64 7.88 11.02 13.31
N GLU C 65 6.66 11.06 13.82
CA GLU C 65 5.54 11.75 13.21
C GLU C 65 5.86 13.20 12.82
N ASN C 66 6.77 13.85 13.54
CA ASN C 66 6.86 15.30 13.48
C ASN C 66 7.37 15.81 12.15
N MET C 67 8.06 14.97 11.37
CA MET C 67 8.45 15.40 10.03
C MET C 67 7.24 15.56 9.09
N TYR C 68 6.07 15.02 9.39
CA TYR C 68 4.85 15.38 8.66
C TYR C 68 4.25 16.72 9.08
N SER C 69 4.78 17.38 10.10
CA SER C 69 4.12 18.53 10.73
C SER C 69 5.03 19.74 10.80
N VAL C 70 4.44 20.93 10.85
CA VAL C 70 5.18 22.16 11.16
C VAL C 70 4.55 22.89 12.34
N VAL C 71 5.38 23.60 13.08
CA VAL C 71 4.98 24.34 14.28
C VAL C 71 4.96 25.84 13.99
N LEU C 72 3.91 26.53 14.42
CA LEU C 72 3.72 27.97 14.17
C LEU C 72 3.79 28.76 15.49
N GLN C 73 4.23 30.01 15.41
CA GLN C 73 4.61 30.83 16.56
C GLN C 73 3.71 32.06 16.66
N SER C 74 2.65 31.96 17.47
CA SER C 74 1.69 33.06 17.63
C SER C 74 2.31 34.33 18.23
N SER C 75 3.52 34.25 18.77
CA SER C 75 4.27 35.37 19.32
C SER C 75 4.76 36.40 18.30
N ILE C 76 4.72 36.13 16.99
CA ILE C 76 5.48 36.93 16.01
C ILE C 76 4.60 37.88 15.20
N ASN C 77 4.79 39.20 15.38
CA ASN C 77 4.38 40.21 14.41
C ASN C 77 5.38 40.23 13.22
N ALA C 78 5.16 39.41 12.20
CA ALA C 78 5.96 39.44 10.97
C ALA C 78 5.18 38.92 9.75
N PRO C 79 5.56 39.31 8.52
CA PRO C 79 4.99 38.77 7.29
C PRO C 79 5.65 37.47 6.81
N ASP C 80 6.67 37.00 7.52
CA ASP C 80 7.74 36.21 6.92
C ASP C 80 7.44 34.72 6.64
N LYS C 81 8.41 34.06 6.01
CA LYS C 81 8.30 32.72 5.49
C LYS C 81 8.19 31.71 6.61
N ILE C 82 7.21 30.83 6.49
CA ILE C 82 6.96 29.70 7.37
C ILE C 82 7.70 28.46 6.86
N PHE C 83 7.59 28.15 5.56
CA PHE C 83 8.33 27.06 4.91
C PHE C 83 8.35 27.22 3.39
N SER C 84 9.18 26.43 2.70
CA SER C 84 9.08 26.26 1.25
C SER C 84 9.57 24.89 0.81
N ILE C 85 9.19 24.44 -0.38
CA ILE C 85 9.50 23.12 -0.95
C ILE C 85 9.68 23.27 -2.46
N ARG C 86 10.35 22.34 -3.13
CA ARG C 86 10.22 22.15 -4.59
C ARG C 86 8.79 21.74 -4.99
N THR C 87 8.58 21.46 -6.27
CA THR C 87 7.30 20.96 -6.81
C THR C 87 7.47 19.78 -7.76
N ASP C 88 8.71 19.49 -8.16
CA ASP C 88 9.07 18.34 -8.97
C ASP C 88 8.66 17.04 -8.26
N VAL C 89 7.75 16.26 -8.84
CA VAL C 89 7.06 15.17 -8.10
C VAL C 89 7.97 14.15 -7.44
N ALA C 90 9.11 13.82 -8.05
CA ALA C 90 10.08 12.90 -7.47
C ALA C 90 11.26 13.60 -6.78
N SER C 91 11.15 14.88 -6.44
CA SER C 91 12.12 15.53 -5.57
C SER C 91 11.86 15.22 -4.10
N GLN C 92 12.87 15.32 -3.25
CA GLN C 92 12.68 15.30 -1.79
C GLN C 92 11.91 16.55 -1.33
N PRO C 93 11.08 16.45 -0.29
CA PRO C 93 10.58 15.23 0.31
C PRO C 93 9.46 14.59 -0.50
N LEU C 94 8.84 15.31 -1.45
CA LEU C 94 7.61 14.89 -2.14
C LEU C 94 7.64 13.46 -2.69
N ALA C 95 8.79 12.99 -3.17
CA ALA C 95 9.00 11.63 -3.65
C ALA C 95 8.51 10.57 -2.65
N THR C 96 8.68 10.83 -1.37
CA THR C 96 8.31 9.92 -0.29
C THR C 96 6.80 9.81 -0.09
N THR C 97 6.02 10.76 -0.61
CA THR C 97 4.56 10.60 -0.68
C THR C 97 4.22 9.48 -1.63
N LEU C 98 3.05 8.90 -1.51
CA LEU C 98 2.68 7.81 -2.39
C LEU C 98 2.56 8.27 -3.84
N ILE C 99 2.10 9.49 -4.10
CA ILE C 99 2.14 10.03 -5.47
C ILE C 99 3.59 10.17 -5.88
N GLY C 100 4.44 10.63 -4.97
CA GLY C 100 5.87 10.69 -5.14
C GLY C 100 6.42 9.34 -5.58
N GLU C 101 6.15 8.26 -4.86
CA GLU C 101 6.66 6.95 -5.22
C GLU C 101 6.12 6.50 -6.56
N ILE C 102 4.83 6.64 -6.78
CA ILE C 102 4.25 6.30 -8.07
C ILE C 102 4.93 7.10 -9.18
N SER C 103 5.18 8.39 -8.98
CA SER C 103 5.93 9.17 -9.94
C SER C 103 7.37 8.69 -10.07
N SER C 104 7.94 8.21 -9.00
CA SER C 104 9.31 7.72 -8.95
C SER C 104 9.45 6.41 -9.72
N TYR C 105 8.38 5.62 -9.76
CA TYR C 105 8.18 4.48 -10.65
C TYR C 105 7.98 4.86 -12.11
N PHE C 106 8.08 6.13 -12.49
CA PHE C 106 7.75 6.63 -13.81
C PHE C 106 8.76 7.69 -14.25
N THR C 107 8.79 8.04 -15.53
CA THR C 107 9.80 8.96 -16.07
C THR C 107 9.21 10.26 -16.54
N HIS C 108 7.96 10.24 -16.98
CA HIS C 108 7.24 11.42 -17.44
C HIS C 108 6.04 11.66 -16.54
N TRP C 109 5.72 12.92 -16.30
CA TRP C 109 4.51 13.31 -15.59
C TRP C 109 3.89 14.54 -16.23
N THR C 110 2.62 14.72 -15.97
CA THR C 110 1.85 15.84 -16.48
C THR C 110 0.66 16.13 -15.58
N GLY C 111 0.15 17.35 -15.69
CA GLY C 111 -1.05 17.79 -15.02
C GLY C 111 -0.77 18.34 -13.63
N SER C 112 -1.71 19.13 -13.18
CA SER C 112 -1.64 19.94 -11.98
C SER C 112 -1.79 19.09 -10.73
N LEU C 113 -1.21 19.55 -9.63
CA LEU C 113 -1.22 18.83 -8.35
C LEU C 113 -2.10 19.55 -7.35
N ARG C 114 -2.87 18.78 -6.58
CA ARG C 114 -3.65 19.25 -5.44
C ARG C 114 -2.79 19.24 -4.19
N PHE C 115 -2.94 20.29 -3.39
CA PHE C 115 -2.28 20.49 -2.12
C PHE C 115 -3.33 20.91 -1.11
N SER C 116 -3.15 20.48 0.14
CA SER C 116 -4.15 20.71 1.19
C SER C 116 -3.50 20.87 2.55
N PHE C 117 -4.17 21.60 3.43
CA PHE C 117 -3.55 22.18 4.62
C PHE C 117 -4.59 22.35 5.73
N MET C 118 -4.35 21.78 6.92
CA MET C 118 -5.26 21.91 8.07
C MET C 118 -4.64 22.80 9.14
N PHE C 119 -5.42 23.72 9.68
CA PHE C 119 -5.01 24.47 10.85
C PHE C 119 -5.21 23.61 12.09
N CYS C 120 -4.19 22.84 12.45
CA CYS C 120 -4.27 21.84 13.52
C CYS C 120 -4.21 22.45 14.94
N GLY C 121 -4.10 23.77 15.06
CA GLY C 121 -4.04 24.45 16.35
C GLY C 121 -5.36 24.49 17.12
N THR C 122 -5.34 25.21 18.23
CA THR C 122 -6.44 25.22 19.19
C THR C 122 -7.69 25.80 18.58
N ALA C 123 -8.84 25.19 18.78
CA ALA C 123 -10.06 25.58 18.09
C ALA C 123 -10.41 27.06 18.26
N ASN C 124 -10.15 27.60 19.45
CA ASN C 124 -10.34 29.00 19.81
C ASN C 124 -9.46 30.01 19.03
N THR C 125 -8.50 29.54 18.24
CA THR C 125 -7.41 30.36 17.65
C THR C 125 -7.72 30.78 16.23
N THR C 126 -7.23 31.94 15.80
CA THR C 126 -7.44 32.45 14.43
C THR C 126 -6.14 32.92 13.77
N VAL C 127 -6.13 32.87 12.44
CA VAL C 127 -5.10 33.39 11.55
C VAL C 127 -5.67 33.44 10.14
N LYS C 128 -5.03 34.16 9.22
CA LYS C 128 -5.08 33.84 7.79
C LYS C 128 -3.66 33.74 7.25
N LEU C 129 -3.43 32.81 6.34
CA LEU C 129 -2.11 32.43 5.87
C LEU C 129 -2.00 32.45 4.36
N LEU C 130 -0.79 32.63 3.86
CA LEU C 130 -0.51 32.64 2.44
C LEU C 130 0.15 31.33 2.05
N LEU C 131 -0.51 30.60 1.17
CA LEU C 131 0.09 29.48 0.46
C LEU C 131 0.25 29.90 -0.98
N ALA C 132 1.46 29.73 -1.51
CA ALA C 132 1.82 30.25 -2.82
C ALA C 132 2.73 29.31 -3.59
N TYR C 133 2.71 29.47 -4.91
CA TYR C 133 3.49 28.71 -5.85
C TYR C 133 4.35 29.64 -6.71
N THR C 134 5.58 29.21 -6.97
CA THR C 134 6.51 29.94 -7.82
C THR C 134 6.70 29.21 -9.14
N PRO C 135 6.17 29.77 -10.24
CA PRO C 135 6.61 29.49 -11.59
C PRO C 135 8.12 29.70 -11.74
N PRO C 136 8.87 28.71 -12.23
CA PRO C 136 10.32 28.65 -12.10
C PRO C 136 11.06 29.57 -13.05
N GLY C 137 12.31 29.23 -13.38
CA GLY C 137 13.26 30.11 -14.05
C GLY C 137 13.76 31.23 -13.15
N ILE C 138 13.48 31.16 -11.85
CA ILE C 138 13.66 32.24 -10.88
C ILE C 138 13.96 31.64 -9.50
N ALA C 139 14.60 32.40 -8.63
CA ALA C 139 14.88 31.97 -7.26
C ALA C 139 13.61 31.79 -6.40
N GLU C 140 13.67 30.97 -5.35
CA GLU C 140 12.59 30.83 -4.39
C GLU C 140 12.42 32.14 -3.59
N PRO C 141 11.19 32.65 -3.44
CA PRO C 141 10.95 33.99 -2.92
C PRO C 141 11.49 34.25 -1.52
N THR C 142 11.75 35.52 -1.22
CA THR C 142 12.40 35.99 0.01
C THR C 142 11.62 37.13 0.70
N THR C 143 10.54 37.59 0.08
CA THR C 143 9.49 38.38 0.73
C THR C 143 8.13 37.76 0.46
N ARG C 144 7.19 38.01 1.36
CA ARG C 144 5.79 37.64 1.17
C ARG C 144 5.23 38.26 -0.12
N LYS C 145 5.56 39.52 -0.42
CA LYS C 145 5.07 40.20 -1.62
C LYS C 145 5.56 39.49 -2.89
N ASP C 146 6.75 38.91 -2.87
CA ASP C 146 7.23 38.08 -3.98
C ASP C 146 6.26 36.94 -4.25
N ALA C 147 5.90 36.22 -3.20
CA ALA C 147 4.95 35.13 -3.32
C ALA C 147 3.57 35.65 -3.76
N MET C 148 3.16 36.84 -3.32
CA MET C 148 1.92 37.48 -3.75
C MET C 148 1.91 37.77 -5.25
N LEU C 149 3.08 37.94 -5.89
CA LEU C 149 3.16 38.04 -7.35
C LEU C 149 3.01 36.68 -8.04
N GLY C 150 3.42 35.60 -7.39
CA GLY C 150 3.14 34.24 -7.81
C GLY C 150 1.66 33.88 -7.71
N THR C 151 1.24 32.74 -8.27
CA THR C 151 -0.13 32.25 -8.04
C THR C 151 -0.24 31.74 -6.62
N HIS C 152 -1.30 32.11 -5.93
CA HIS C 152 -1.40 31.89 -4.49
C HIS C 152 -2.85 31.97 -3.99
N VAL C 153 -3.04 31.51 -2.76
CA VAL C 153 -4.30 31.54 -2.02
C VAL C 153 -4.07 32.11 -0.63
N ILE C 154 -5.00 32.93 -0.15
CA ILE C 154 -5.03 33.39 1.23
C ILE C 154 -6.14 32.65 1.96
N TRP C 155 -5.75 31.98 3.03
CA TRP C 155 -6.58 31.05 3.76
C TRP C 155 -7.47 31.76 4.77
N ASP C 156 -8.75 31.91 4.47
CA ASP C 156 -9.80 32.21 5.44
C ASP C 156 -9.97 30.99 6.36
N VAL C 157 -9.30 30.94 7.53
CA VAL C 157 -9.43 29.86 8.52
C VAL C 157 -10.77 29.97 9.25
N GLY C 158 -11.86 29.74 8.53
CA GLY C 158 -13.23 29.69 9.06
C GLY C 158 -13.48 28.48 9.94
N LEU C 159 -14.74 28.15 10.20
CA LEU C 159 -15.10 26.93 10.93
C LEU C 159 -14.53 25.69 10.23
N GLN C 160 -14.55 25.71 8.90
CA GLN C 160 -14.07 24.61 8.09
C GLN C 160 -12.57 24.34 8.31
N SER C 161 -12.14 23.09 8.28
CA SER C 161 -10.83 22.67 8.79
C SER C 161 -9.65 23.01 7.89
N THR C 162 -9.84 22.94 6.58
CA THR C 162 -8.75 22.73 5.61
C THR C 162 -8.85 23.74 4.50
N ILE C 163 -7.73 24.30 4.07
CA ILE C 163 -7.63 24.92 2.74
C ILE C 163 -6.95 23.96 1.77
N SER C 164 -7.48 23.91 0.56
CA SER C 164 -6.97 23.07 -0.51
C SER C 164 -6.86 23.90 -1.79
N MET C 165 -5.78 23.70 -2.54
CA MET C 165 -5.36 24.57 -3.65
C MET C 165 -4.45 23.81 -4.61
N VAL C 166 -4.19 24.37 -5.78
CA VAL C 166 -3.51 23.64 -6.86
C VAL C 166 -2.32 24.40 -7.38
N VAL C 167 -1.19 23.73 -7.56
CA VAL C 167 -0.13 24.22 -8.44
C VAL C 167 -0.59 23.98 -9.86
N PRO C 168 -0.84 25.02 -10.66
CA PRO C 168 -1.25 24.84 -12.04
C PRO C 168 -0.13 24.20 -12.84
N TRP C 169 -0.48 23.34 -13.78
CA TRP C 169 0.48 22.83 -14.74
C TRP C 169 0.93 23.93 -15.71
N ILE C 170 2.17 24.36 -15.59
CA ILE C 170 2.79 25.40 -16.40
C ILE C 170 4.14 24.87 -16.90
N SER C 171 4.19 23.60 -17.28
CA SER C 171 5.35 23.07 -18.01
C SER C 171 5.30 23.52 -19.45
N ALA C 172 6.45 23.94 -19.99
CA ALA C 172 6.58 24.27 -21.41
C ALA C 172 6.14 23.10 -22.27
N SER C 173 6.72 21.94 -22.01
CA SER C 173 6.37 20.66 -22.60
C SER C 173 5.13 20.05 -21.94
N HIS C 174 4.30 19.33 -22.70
CA HIS C 174 3.10 18.68 -22.14
C HIS C 174 3.40 17.77 -20.97
N TYR C 175 4.54 17.10 -21.01
CA TYR C 175 5.06 16.40 -19.84
C TYR C 175 6.26 17.13 -19.28
N ARG C 176 6.69 16.72 -18.11
CA ARG C 176 8.01 17.00 -17.57
C ARG C 176 8.63 15.68 -17.13
N ASN C 177 9.94 15.61 -17.05
CA ASN C 177 10.64 14.49 -16.45
C ASN C 177 10.31 14.41 -14.95
N THR C 178 10.11 13.21 -14.44
CA THR C 178 9.66 12.98 -13.06
C THR C 178 10.71 13.33 -12.04
N SER C 179 11.96 12.94 -12.28
CA SER C 179 13.08 13.41 -11.45
C SER C 179 13.89 14.43 -12.23
N PRO C 180 14.11 15.63 -11.68
CA PRO C 180 15.10 16.53 -12.22
C PRO C 180 16.50 16.06 -11.81
N GLY C 181 17.43 16.11 -12.75
CA GLY C 181 18.83 16.30 -12.42
C GLY C 181 19.06 17.81 -12.20
N ARG C 182 19.87 18.39 -13.07
CA ARG C 182 20.12 19.85 -13.19
C ARG C 182 18.91 20.55 -13.83
N SER C 183 17.75 20.52 -13.16
CA SER C 183 16.45 21.01 -13.67
C SER C 183 15.48 21.34 -12.51
N THR C 184 14.37 22.05 -12.79
CA THR C 184 13.42 22.55 -11.78
C THR C 184 11.99 22.67 -12.30
N SER C 185 11.00 22.49 -11.42
CA SER C 185 9.57 22.66 -11.73
C SER C 185 8.93 23.86 -11.04
N GLY C 186 9.55 24.42 -10.00
CA GLY C 186 9.03 25.55 -9.23
C GLY C 186 8.94 25.24 -7.74
N TYR C 187 8.44 26.18 -6.95
CA TYR C 187 8.42 26.06 -5.49
C TYR C 187 7.02 26.21 -4.90
N ILE C 188 6.74 25.44 -3.85
CA ILE C 188 5.73 25.80 -2.86
C ILE C 188 6.38 26.74 -1.84
N THR C 189 5.65 27.75 -1.38
CA THR C 189 6.14 28.67 -0.35
C THR C 189 5.01 29.17 0.53
N CYS C 190 5.26 29.35 1.82
CA CYS C 190 4.25 29.55 2.85
C CYS C 190 4.61 30.70 3.77
N TRP C 191 3.64 31.56 4.10
CA TRP C 191 3.92 32.82 4.79
C TRP C 191 2.78 33.24 5.72
N TYR C 192 3.14 33.97 6.77
CA TYR C 192 2.21 34.65 7.67
C TYR C 192 1.49 35.79 6.96
N GLN C 193 0.26 35.57 6.48
CA GLN C 193 -0.51 36.64 5.81
C GLN C 193 -1.03 37.62 6.85
N THR C 194 -1.65 37.12 7.91
CA THR C 194 -1.66 37.80 9.21
C THR C 194 -0.63 37.11 10.10
N ARG C 195 -0.34 37.73 11.25
CA ARG C 195 0.12 36.99 12.42
C ARG C 195 -0.92 35.94 12.85
N LEU C 196 -0.46 34.83 13.42
CA LEU C 196 -1.29 33.88 14.14
C LEU C 196 -1.69 34.44 15.50
N VAL C 197 -2.99 34.45 15.85
CA VAL C 197 -3.48 34.91 17.16
C VAL C 197 -4.24 33.81 17.89
N ILE C 198 -3.62 33.30 18.95
CA ILE C 198 -4.31 32.57 20.01
C ILE C 198 -5.00 33.55 20.95
N PRO C 199 -6.11 33.18 21.62
CA PRO C 199 -6.62 33.94 22.75
C PRO C 199 -5.79 33.66 24.02
N PRO C 200 -5.86 34.52 25.05
CA PRO C 200 -4.94 34.46 26.18
C PRO C 200 -4.94 33.13 26.91
N GLN C 201 -3.78 32.76 27.44
CA GLN C 201 -3.42 31.47 28.07
C GLN C 201 -3.75 30.20 27.26
N THR C 202 -4.04 30.27 25.97
CA THR C 202 -3.93 29.12 25.04
C THR C 202 -2.46 28.67 24.93
N PRO C 203 -2.15 27.41 24.55
CA PRO C 203 -0.77 27.02 24.27
C PRO C 203 -0.10 27.97 23.25
N PRO C 204 1.14 28.42 23.47
CA PRO C 204 1.81 29.50 22.74
C PRO C 204 2.38 29.01 21.39
N THR C 205 1.58 28.22 20.69
CA THR C 205 2.01 27.24 19.70
C THR C 205 0.85 26.92 18.78
N ALA C 206 1.13 26.40 17.59
CA ALA C 206 0.14 25.71 16.77
C ALA C 206 0.81 24.71 15.83
N ARG C 207 0.02 23.79 15.26
CA ARG C 207 0.48 22.77 14.34
C ARG C 207 -0.20 22.92 12.99
N LEU C 208 0.50 22.56 11.92
CA LEU C 208 -0.04 22.45 10.57
C LEU C 208 0.45 21.17 9.93
N LEU C 209 -0.47 20.47 9.28
CA LEU C 209 -0.27 19.26 8.50
C LEU C 209 -0.61 19.53 7.03
N CYS C 210 0.16 18.95 6.12
CA CYS C 210 0.11 19.27 4.69
C CYS C 210 -0.02 18.01 3.84
N PHE C 211 -0.89 18.07 2.87
CA PHE C 211 -1.35 16.97 2.05
C PHE C 211 -1.15 17.28 0.58
N VAL C 212 -0.95 16.24 -0.21
CA VAL C 212 -0.96 16.34 -1.68
C VAL C 212 -1.59 15.13 -2.32
N SER C 213 -2.12 15.34 -3.52
CA SER C 213 -2.65 14.31 -4.39
C SER C 213 -2.67 14.81 -5.84
N GLY C 214 -2.76 13.86 -6.76
CA GLY C 214 -3.04 14.16 -8.17
C GLY C 214 -4.44 14.75 -8.30
N CYS C 215 -4.54 15.83 -9.08
CA CYS C 215 -5.82 16.33 -9.56
C CYS C 215 -6.37 15.41 -10.66
N LYS C 216 -7.64 15.59 -11.05
CA LYS C 216 -8.24 15.00 -12.27
C LYS C 216 -7.40 15.21 -13.53
N ASP C 217 -6.62 16.27 -13.55
CA ASP C 217 -5.67 16.62 -14.60
C ASP C 217 -4.46 15.68 -14.72
N PHE C 218 -4.11 14.96 -13.66
CA PHE C 218 -2.80 14.32 -13.51
C PHE C 218 -2.63 13.02 -14.33
N CYS C 219 -1.41 12.76 -14.84
CA CYS C 219 -1.06 11.52 -15.55
C CYS C 219 0.46 11.27 -15.60
N LEU C 220 0.89 10.04 -15.91
CA LEU C 220 2.30 9.62 -16.01
C LEU C 220 2.61 8.78 -17.26
N ARG C 221 3.89 8.74 -17.68
CA ARG C 221 4.43 7.79 -18.67
C ARG C 221 5.85 7.33 -18.34
N MET C 222 6.27 6.29 -19.05
CA MET C 222 7.56 5.65 -18.88
C MET C 222 7.76 5.14 -17.48
N ALA C 223 6.92 4.17 -17.13
CA ALA C 223 7.10 3.35 -15.96
C ALA C 223 8.52 2.76 -15.95
N ARG C 224 9.23 2.96 -14.87
CA ARG C 224 10.62 2.60 -14.68
C ARG C 224 10.82 2.11 -13.27
N ASP C 225 11.75 1.21 -13.07
CA ASP C 225 11.98 0.60 -11.77
C ASP C 225 12.52 1.68 -10.82
N THR C 226 11.75 1.99 -9.77
CA THR C 226 11.79 3.29 -9.11
C THR C 226 13.15 3.67 -8.52
N ASN C 227 13.50 4.96 -8.58
CA ASN C 227 14.62 5.53 -7.82
C ASN C 227 14.53 5.23 -6.31
N LEU C 228 13.32 5.22 -5.77
CA LEU C 228 13.08 5.53 -4.38
C LEU C 228 13.65 4.51 -3.39
N HIS C 229 13.83 3.27 -3.83
CA HIS C 229 14.16 2.14 -2.97
C HIS C 229 15.34 1.33 -3.51
N LEU C 230 16.17 0.85 -2.59
CA LEU C 230 17.36 0.05 -2.91
C LEU C 230 17.35 -1.29 -2.20
N GLN C 231 17.77 -2.32 -2.93
CA GLN C 231 18.14 -3.61 -2.40
C GLN C 231 19.66 -3.74 -2.46
N SER C 232 20.31 -3.98 -1.34
CA SER C 232 21.69 -4.43 -1.32
C SER C 232 21.76 -5.94 -1.08
N GLY C 233 22.58 -6.63 -1.87
CA GLY C 233 22.79 -8.07 -1.75
C GLY C 233 21.53 -8.92 -1.97
N ALA C 234 21.57 -10.13 -1.41
CA ALA C 234 20.45 -11.05 -1.38
C ALA C 234 19.41 -10.65 -0.32
N ILE C 235 18.13 -10.74 -0.68
CA ILE C 235 17.04 -10.66 0.29
C ILE C 235 16.94 -12.02 0.98
N ALA C 236 17.32 -12.08 2.25
CA ALA C 236 17.15 -13.28 3.08
C ALA C 236 15.67 -13.58 3.39
N GLN C 237 15.41 -14.73 3.99
CA GLN C 237 14.09 -15.40 3.98
C GLN C 237 13.72 -16.08 5.30
N ALA D 1 -13.58 -9.70 -34.99
CA ALA D 1 -13.63 -8.32 -35.51
C ALA D 1 -12.29 -7.57 -35.31
N GLN D 2 -12.15 -6.38 -35.89
CA GLN D 2 -10.95 -5.53 -35.74
C GLN D 2 -10.76 -4.97 -34.31
N VAL D 3 -9.53 -4.51 -34.01
CA VAL D 3 -9.10 -3.89 -32.76
C VAL D 3 -9.71 -2.49 -32.56
N SER D 4 -10.44 -2.28 -31.47
CA SER D 4 -11.25 -1.05 -31.26
C SER D 4 -10.43 0.24 -31.22
N ARG D 5 -9.26 0.23 -30.58
CA ARG D 5 -8.34 1.39 -30.57
C ARG D 5 -7.63 1.63 -31.91
N GLN D 6 -7.85 0.79 -32.91
CA GLN D 6 -6.90 0.56 -34.01
C GLN D 6 -7.57 0.29 -35.37
N ASN D 7 -6.80 -0.28 -36.31
CA ASN D 7 -7.12 -0.38 -37.75
C ASN D 7 -6.84 -1.77 -38.37
N TYR D 8 -6.80 -2.82 -37.56
CA TYR D 8 -6.44 -4.19 -37.99
C TYR D 8 -7.17 -5.25 -37.15
N PHE D 9 -7.20 -6.50 -37.63
CA PHE D 9 -7.79 -7.65 -36.96
C PHE D 9 -6.67 -8.52 -36.39
N ASN D 10 -6.67 -8.81 -35.09
CA ASN D 10 -5.92 -9.94 -34.56
C ASN D 10 -6.61 -10.53 -33.32
N ILE D 11 -6.55 -11.85 -33.15
CA ILE D 11 -7.33 -12.65 -32.19
C ILE D 11 -6.52 -13.86 -31.71
N ASN D 12 -6.86 -14.37 -30.53
CA ASN D 12 -6.26 -15.54 -29.90
C ASN D 12 -6.21 -16.78 -30.81
N TYR D 13 -5.26 -17.67 -30.54
CA TYR D 13 -5.17 -18.99 -31.17
C TYR D 13 -4.65 -20.07 -30.22
N PHE D 14 -3.87 -19.72 -29.20
CA PHE D 14 -3.40 -20.73 -28.26
C PHE D 14 -4.58 -21.31 -27.44
N LYS D 15 -4.45 -22.56 -26.98
CA LYS D 15 -5.59 -23.43 -26.63
C LYS D 15 -6.48 -22.95 -25.48
N ASP D 16 -5.94 -22.84 -24.27
CA ASP D 16 -6.76 -22.61 -23.06
C ASP D 16 -6.72 -21.14 -22.66
N ALA D 17 -7.89 -20.54 -22.42
CA ALA D 17 -8.06 -19.08 -22.40
C ALA D 17 -7.16 -18.34 -21.38
N ALA D 18 -6.99 -18.88 -20.18
CA ALA D 18 -6.13 -18.28 -19.17
C ALA D 18 -4.68 -18.10 -19.68
N SER D 19 -4.23 -18.99 -20.54
CA SER D 19 -2.86 -19.02 -21.04
C SER D 19 -2.50 -17.85 -21.93
N ASN D 20 -3.49 -17.11 -22.44
CA ASN D 20 -3.25 -15.96 -23.30
C ASN D 20 -2.40 -14.90 -22.59
N GLY D 21 -2.80 -14.47 -21.40
CA GLY D 21 -2.04 -13.49 -20.63
C GLY D 21 -1.89 -12.13 -21.31
N ALA D 22 -2.93 -11.61 -21.98
CA ALA D 22 -2.92 -10.27 -22.59
C ALA D 22 -4.33 -9.66 -22.67
N SER D 23 -4.64 -8.63 -21.88
CA SER D 23 -6.02 -8.16 -21.67
C SER D 23 -6.30 -6.77 -22.26
N LYS D 24 -7.53 -6.56 -22.74
CA LYS D 24 -8.08 -5.23 -23.03
C LYS D 24 -8.31 -4.42 -21.74
N LEU D 25 -8.66 -3.14 -21.88
CA LEU D 25 -9.04 -2.25 -20.78
C LEU D 25 -10.55 -1.96 -20.80
#